data_3P7O
#
_entry.id   3P7O
#
_cell.length_a   115.52
_cell.length_b   70.91
_cell.length_c   114.36
_cell.angle_alpha   90.00
_cell.angle_beta   92.97
_cell.angle_gamma   90.00
#
_symmetry.space_group_name_H-M   'C 1 2 1'
#
loop_
_entity.id
_entity.type
_entity.pdbx_description
1 polymer 'Insulin-degrading enzyme'
2 polymer 'active site bound peptide'
3 polymer 'distal site bound peptide'
4 water water
#
loop_
_entity_poly.entity_id
_entity_poly.type
_entity_poly.pdbx_seq_one_letter_code
_entity_poly.pdbx_strand_id
1 'polypeptide(L)'
;MRNGLVWLLHPALPSTLHSILGARPPPVKRLCGFPKQIYSTMNNPAIQRIEDHIVKSPEDKREYRGLELANGIKVLLISD
PTTDKSSAALDVHIGSLSDPPNIPGLSHFCFHMLFLGTKKYPKENEYSQFLSEHAGSSNAFTSGEHTNYYFDVSHEHLEG
ALDRFAQFFLCPLFDASCKDREVNAVDSEHEKNVMNDAWRLFQLEKATGNPKHPFSKFGTGNKYTLETRPNQEGIDVREE
LLKFHSTYYSSNLMAICVLGRESLDDLTNLVVKLFSEVENKNVPLPEFPEHPFQEEHLKQLYKIVPIKDIRNLYVTFPIP
DLQQYYKSNPGHYLGHLIGHEGPGSLLSELKSKGWVNTLVGGQKEGARGFMFFIINVDLTEEGLLHVEDIILHMFQYIQK
LRAEGPQEWVFQECKDLNAVAFRFKDKERPRGYTSKIAGKLHYYPLNGVLTAEYLLEEFRPDLIDMVLDKLRPENVRVAI
VSKSFEGKTDRTEQWYGTQYKQEAIPEDVIQKWQNADLNGKFKLPTKNEFIPTNFEILALEKDATPYPALIKDTAMSKLW
FKQDDKFFLPKACLNFEFFSPFAYVDPLHCNMAYLYLELLKDSLNEYAYAAELAGLSYDLQNTIYGMYLSVKGYNDKQPI
LLKKITEKMATFEIDKKRFEIIKEAYMRSLNNFRAEQPHQHAMYYLRLLMTEVAWTKDELKEALDDVTLPRLKAFIPQLL
SRLHIEALLHGNITKQAALGVMQMVEDTLIEHAHTKPLLPSQLVRYREVQLPDRGWFVYQRRNEVHNNCGIEIYYQTDMQ
STSENMFLELFCQIISEPCFNTLRTKEQLGYIVFSGPRRANGIQGLRFIIQSEKPPHYLESRVEAFLITMEKAIEDMTEE
AFQKHIQALAIRRLDKPKKLSAECAKYWGEIISQQYNYDRDNIEVAYLKTLSKDDIIKFYKEMLAVDAPRRHKVSVHVLA
REMDSCPVVGEFPSQNDINLSEAPPLPQPEVIHNMTEFKRGLPLFPLVKPHINFMAAKL
;
A
2 'polypeptide(L)' (UNK)(UNK)(UNK)(UNK)(UNK)(UNK)(UNK)(UNK) B
3 'polypeptide(L)' (UNK)(UNK)(UNK)(UNK)(UNK)(UNK)(UNK) C
#
# COMPACT_ATOMS: atom_id res chain seq x y z
N MET A 42 10.88 -19.72 -39.28
CA MET A 42 9.59 -19.53 -39.95
C MET A 42 8.73 -18.49 -39.25
N ASN A 43 9.25 -17.95 -38.16
CA ASN A 43 8.57 -16.89 -37.41
C ASN A 43 8.73 -15.56 -38.14
N ASN A 44 7.78 -14.63 -37.94
CA ASN A 44 7.89 -13.29 -38.49
C ASN A 44 9.30 -12.71 -38.31
N PRO A 45 9.81 -12.02 -39.34
CA PRO A 45 11.19 -11.53 -39.33
C PRO A 45 11.53 -10.69 -38.09
N ALA A 46 10.52 -10.12 -37.44
CA ALA A 46 10.77 -9.29 -36.28
C ALA A 46 11.02 -10.13 -35.02
N ILE A 47 10.61 -11.40 -35.06
CA ILE A 47 10.73 -12.31 -33.92
C ILE A 47 11.87 -13.30 -34.00
N GLN A 48 12.88 -13.13 -33.16
CA GLN A 48 13.94 -14.13 -33.01
C GLN A 48 13.37 -15.48 -32.62
N ARG A 49 12.80 -15.54 -31.41
CA ARG A 49 12.31 -16.79 -30.84
C ARG A 49 10.91 -16.65 -30.23
N ILE A 50 10.15 -17.73 -30.28
CA ILE A 50 8.76 -17.75 -29.80
C ILE A 50 8.50 -18.75 -28.66
N GLU A 51 7.68 -18.30 -27.71
CA GLU A 51 7.18 -19.08 -26.57
C GLU A 51 8.29 -19.73 -25.77
N ASP A 52 8.14 -21.04 -25.57
CA ASP A 52 8.92 -21.83 -24.62
C ASP A 52 7.95 -22.78 -23.91
N HIS A 53 6.66 -22.67 -24.22
CA HIS A 53 5.57 -23.21 -23.40
C HIS A 53 5.69 -22.59 -22.01
N ILE A 54 4.88 -21.59 -21.70
CA ILE A 54 5.00 -20.88 -20.42
C ILE A 54 4.44 -21.65 -19.21
N VAL A 55 5.28 -22.00 -18.25
CA VAL A 55 4.78 -22.81 -17.16
C VAL A 55 3.89 -21.96 -16.25
N LYS A 56 2.64 -22.38 -16.12
CA LYS A 56 1.63 -21.64 -15.35
C LYS A 56 0.85 -22.57 -14.42
N SER A 57 0.06 -21.98 -13.53
CA SER A 57 -0.84 -22.74 -12.66
C SER A 57 -1.97 -23.40 -13.46
N PRO A 58 -2.25 -24.68 -13.17
CA PRO A 58 -3.38 -25.40 -13.76
C PRO A 58 -4.68 -24.63 -13.59
N GLU A 59 -4.82 -23.91 -12.48
CA GLU A 59 -6.04 -23.17 -12.18
C GLU A 59 -6.23 -21.98 -13.12
N ASP A 60 -5.16 -21.57 -13.78
CA ASP A 60 -5.11 -20.28 -14.45
C ASP A 60 -5.67 -20.43 -15.85
N LYS A 61 -6.86 -19.90 -16.07
CA LYS A 61 -7.53 -20.02 -17.35
C LYS A 61 -6.93 -19.11 -18.39
N ARG A 62 -6.12 -18.16 -17.96
CA ARG A 62 -5.52 -17.26 -18.94
C ARG A 62 -4.55 -18.01 -19.86
N GLU A 63 -4.42 -17.54 -21.11
CA GLU A 63 -3.47 -18.13 -22.08
C GLU A 63 -2.25 -17.24 -22.24
N TYR A 64 -1.07 -17.87 -22.32
CA TYR A 64 0.21 -17.16 -22.34
C TYR A 64 1.10 -17.53 -23.53
N ARG A 65 1.93 -16.57 -23.94
CA ARG A 65 2.96 -16.79 -24.96
C ARG A 65 4.15 -15.87 -24.72
N GLY A 66 5.36 -16.44 -24.73
CA GLY A 66 6.58 -15.65 -24.63
C GLY A 66 7.15 -15.29 -26.00
N LEU A 67 7.96 -14.23 -26.07
CA LEU A 67 8.55 -13.77 -27.33
C LEU A 67 9.89 -13.07 -27.12
N GLU A 68 10.74 -13.18 -28.11
CA GLU A 68 11.96 -12.39 -28.16
C GLU A 68 12.02 -11.68 -29.50
N LEU A 69 11.78 -10.38 -29.49
CA LEU A 69 11.84 -9.61 -30.71
C LEU A 69 13.27 -9.62 -31.22
N ALA A 70 13.40 -9.44 -32.52
CA ALA A 70 14.68 -9.34 -33.17
C ALA A 70 15.53 -8.28 -32.47
N ASN A 71 14.89 -7.18 -32.05
CA ASN A 71 15.61 -6.06 -31.44
C ASN A 71 15.91 -6.25 -29.95
N GLY A 72 15.85 -7.51 -29.51
CA GLY A 72 16.22 -7.89 -28.15
C GLY A 72 15.16 -7.73 -27.06
N ILE A 73 13.96 -7.28 -27.43
CA ILE A 73 12.89 -7.04 -26.43
C ILE A 73 12.23 -8.34 -25.96
N LYS A 74 12.27 -8.60 -24.65
CA LYS A 74 11.57 -9.75 -24.07
C LYS A 74 10.10 -9.43 -23.86
N VAL A 75 9.23 -10.36 -24.24
CA VAL A 75 7.81 -10.11 -24.27
C VAL A 75 6.94 -11.27 -23.80
N LEU A 76 5.95 -10.94 -22.98
CA LEU A 76 4.92 -11.91 -22.59
C LEU A 76 3.56 -11.37 -22.90
N LEU A 77 2.82 -12.18 -23.64
CA LEU A 77 1.45 -11.87 -24.00
C LEU A 77 0.51 -12.71 -23.16
N ILE A 78 -0.56 -12.09 -22.72
CA ILE A 78 -1.56 -12.77 -21.93
C ILE A 78 -2.91 -12.52 -22.57
N SER A 79 -3.57 -13.61 -22.96
CA SER A 79 -4.91 -13.51 -23.50
C SER A 79 -5.93 -13.95 -22.43
N ASP A 80 -6.76 -12.99 -21.99
CA ASP A 80 -7.88 -13.25 -21.09
C ASP A 80 -9.16 -12.69 -21.69
N PRO A 81 -9.96 -13.56 -22.31
CA PRO A 81 -11.18 -13.18 -23.03
C PRO A 81 -12.32 -12.66 -22.14
N THR A 82 -12.24 -12.92 -20.84
CA THR A 82 -13.24 -12.41 -19.90
C THR A 82 -12.82 -11.08 -19.28
N THR A 83 -11.63 -10.58 -19.59
CA THR A 83 -11.15 -9.41 -18.88
C THR A 83 -11.87 -8.13 -19.27
N ASP A 84 -12.19 -7.30 -18.29
CA ASP A 84 -12.90 -6.07 -18.55
C ASP A 84 -11.91 -4.98 -18.87
N LYS A 85 -10.73 -5.05 -18.28
CA LYS A 85 -9.73 -4.02 -18.58
C LYS A 85 -8.50 -4.70 -19.14
N SER A 86 -7.85 -4.06 -20.11
CA SER A 86 -6.59 -4.57 -20.63
C SER A 86 -5.46 -3.76 -20.01
N SER A 87 -4.23 -4.11 -20.35
CA SER A 87 -3.09 -3.53 -19.67
C SER A 87 -1.77 -3.89 -20.38
N ALA A 88 -0.77 -3.03 -20.20
CA ALA A 88 0.56 -3.32 -20.69
C ALA A 88 1.58 -2.63 -19.83
N ALA A 89 2.80 -3.14 -19.85
CA ALA A 89 3.85 -2.53 -19.06
C ALA A 89 5.13 -2.69 -19.84
N LEU A 90 5.95 -1.65 -19.86
CA LEU A 90 7.29 -1.77 -20.40
C LEU A 90 8.26 -1.41 -19.31
N ASP A 91 9.25 -2.27 -19.12
CA ASP A 91 10.24 -2.06 -18.10
C ASP A 91 11.61 -1.89 -18.74
N VAL A 92 12.25 -0.78 -18.43
CA VAL A 92 13.62 -0.53 -18.85
C VAL A 92 14.54 -0.89 -17.72
N HIS A 93 15.58 -1.64 -18.04
CA HIS A 93 16.57 -2.04 -17.06
C HIS A 93 17.60 -0.94 -16.84
N ILE A 94 17.12 0.30 -16.69
CA ILE A 94 17.95 1.39 -16.23
C ILE A 94 17.26 2.17 -15.11
N GLY A 95 18.03 2.59 -14.11
CA GLY A 95 17.49 3.33 -13.00
C GLY A 95 18.37 4.48 -12.54
N SER A 96 18.12 4.95 -11.32
CA SER A 96 18.87 6.08 -10.79
C SER A 96 20.34 5.75 -10.52
N LEU A 97 20.74 4.49 -10.73
CA LEU A 97 22.13 4.12 -10.52
C LEU A 97 23.00 4.55 -11.69
N SER A 98 22.38 4.73 -12.84
CA SER A 98 23.09 5.22 -14.01
C SER A 98 23.02 6.74 -14.11
N ASP A 99 22.62 7.38 -13.01
CA ASP A 99 22.55 8.84 -12.97
C ASP A 99 23.93 9.42 -13.11
N PRO A 100 24.11 10.33 -14.07
CA PRO A 100 25.38 11.06 -14.20
C PRO A 100 25.73 11.67 -12.84
N PRO A 101 27.03 11.75 -12.52
CA PRO A 101 27.47 12.28 -11.22
C PRO A 101 26.93 13.69 -10.94
N ASN A 102 27.01 14.56 -11.94
CA ASN A 102 26.61 15.95 -11.79
C ASN A 102 25.10 16.20 -11.67
N ILE A 103 24.30 15.32 -12.26
CA ILE A 103 22.85 15.51 -12.27
C ILE A 103 22.12 14.34 -11.65
N PRO A 104 22.13 14.24 -10.30
CA PRO A 104 21.43 13.13 -9.66
C PRO A 104 19.92 13.26 -9.83
N GLY A 105 19.29 12.16 -10.24
CA GLY A 105 17.85 12.13 -10.41
C GLY A 105 17.42 12.33 -11.85
N LEU A 106 18.39 12.39 -12.75
CA LEU A 106 18.07 12.53 -14.16
C LEU A 106 17.14 11.40 -14.61
N SER A 107 17.29 10.23 -14.00
CA SER A 107 16.52 9.04 -14.35
C SER A 107 15.04 9.27 -14.06
N HIS A 108 14.77 9.63 -12.80
CA HIS A 108 13.45 10.03 -12.35
C HIS A 108 12.90 11.12 -13.26
N PHE A 109 13.64 12.21 -13.35
CA PHE A 109 13.31 13.33 -14.22
C PHE A 109 12.87 12.87 -15.61
N CYS A 110 13.64 11.94 -16.17
CA CYS A 110 13.43 11.44 -17.53
C CYS A 110 12.04 10.85 -17.74
N PHE A 111 11.59 10.01 -16.82
CA PHE A 111 10.28 9.39 -17.00
C PHE A 111 9.14 10.40 -16.84
N HIS A 112 9.39 11.45 -16.04
CA HIS A 112 8.46 12.57 -15.98
C HIS A 112 8.34 13.19 -17.37
N MET A 113 9.49 13.47 -17.98
CA MET A 113 9.55 14.10 -19.30
C MET A 113 8.99 13.24 -20.42
N LEU A 114 9.10 11.92 -20.27
CA LEU A 114 8.66 11.00 -21.30
C LEU A 114 7.15 11.01 -21.50
N PHE A 115 6.41 11.04 -20.39
CA PHE A 115 4.96 11.14 -20.42
C PHE A 115 4.51 12.43 -21.09
N LEU A 116 5.42 13.40 -21.17
CA LEU A 116 5.06 14.75 -21.60
C LEU A 116 5.00 14.95 -23.10
N GLY A 117 4.30 14.06 -23.80
CA GLY A 117 3.99 14.28 -25.20
C GLY A 117 5.01 13.79 -26.22
N THR A 118 4.52 13.36 -27.38
CA THR A 118 5.38 12.78 -28.41
C THR A 118 5.19 13.45 -29.75
N LYS A 119 6.09 13.12 -30.68
CA LYS A 119 6.02 13.64 -32.04
C LYS A 119 4.66 13.37 -32.69
N LYS A 120 4.19 12.13 -32.60
CA LYS A 120 2.91 11.75 -33.19
C LYS A 120 1.72 12.24 -32.37
N TYR A 121 1.87 12.19 -31.04
CA TYR A 121 0.84 12.68 -30.13
C TYR A 121 1.42 13.78 -29.25
N PRO A 122 1.49 15.01 -29.80
CA PRO A 122 2.22 16.12 -29.17
C PRO A 122 1.51 16.79 -28.00
N LYS A 123 0.24 16.47 -27.77
CA LYS A 123 -0.47 17.03 -26.61
C LYS A 123 0.09 16.50 -25.30
N GLU A 124 0.48 17.44 -24.44
CA GLU A 124 1.19 17.17 -23.19
C GLU A 124 0.52 16.17 -22.24
N ASN A 125 -0.80 16.08 -22.28
CA ASN A 125 -1.54 15.16 -21.44
C ASN A 125 -2.41 14.24 -22.28
N GLU A 126 -2.01 13.99 -23.51
CA GLU A 126 -2.79 13.18 -24.44
C GLU A 126 -2.95 11.75 -23.93
N TYR A 127 -1.85 11.22 -23.41
CA TYR A 127 -1.80 9.86 -22.91
C TYR A 127 -2.84 9.70 -21.82
N SER A 128 -2.67 10.46 -20.74
CA SER A 128 -3.48 10.31 -19.54
C SER A 128 -4.96 10.66 -19.75
N GLN A 129 -5.23 11.68 -20.56
CA GLN A 129 -6.60 12.02 -20.93
C GLN A 129 -7.28 10.92 -21.76
N PHE A 130 -6.52 10.21 -22.59
CA PHE A 130 -7.08 9.08 -23.33
C PHE A 130 -7.43 7.97 -22.34
N LEU A 131 -6.56 7.75 -21.37
CA LEU A 131 -6.77 6.72 -20.37
C LEU A 131 -7.96 7.05 -19.48
N SER A 132 -8.03 8.30 -19.01
CA SER A 132 -9.15 8.76 -18.19
C SER A 132 -10.45 8.51 -18.92
N GLU A 133 -10.49 8.87 -20.19
CA GLU A 133 -11.71 8.79 -20.97
C GLU A 133 -11.98 7.40 -21.52
N HIS A 134 -11.20 6.43 -21.11
CA HIS A 134 -11.49 5.05 -21.49
C HIS A 134 -11.28 4.08 -20.34
N ALA A 135 -11.68 4.49 -19.13
CA ALA A 135 -11.65 3.64 -17.95
C ALA A 135 -10.24 3.21 -17.54
N GLY A 136 -9.25 3.95 -17.99
CA GLY A 136 -7.87 3.60 -17.74
C GLY A 136 -7.18 4.42 -16.67
N SER A 137 -5.98 3.97 -16.31
CA SER A 137 -5.15 4.63 -15.34
C SER A 137 -3.71 4.30 -15.70
N SER A 138 -2.76 5.13 -15.30
CA SER A 138 -1.37 4.82 -15.53
C SER A 138 -0.47 5.27 -14.40
N ASN A 139 0.71 4.67 -14.36
CA ASN A 139 1.72 5.06 -13.41
C ASN A 139 3.10 4.63 -13.90
N ALA A 140 4.10 4.93 -13.11
CA ALA A 140 5.46 4.64 -13.49
C ALA A 140 6.34 4.77 -12.28
N PHE A 141 7.53 4.22 -12.34
CA PHE A 141 8.44 4.31 -11.20
C PHE A 141 9.88 4.03 -11.59
N THR A 142 10.80 4.68 -10.88
CA THR A 142 12.23 4.46 -11.07
C THR A 142 12.77 3.91 -9.79
N SER A 143 13.55 2.84 -9.90
CA SER A 143 14.37 2.38 -8.80
C SER A 143 15.81 2.50 -9.29
N GLY A 144 16.72 1.78 -8.64
CA GLY A 144 18.12 1.85 -9.05
C GLY A 144 18.42 1.34 -10.45
N GLU A 145 17.75 0.27 -10.86
CA GLU A 145 18.12 -0.36 -12.12
C GLU A 145 16.93 -0.60 -13.00
N HIS A 146 15.79 -0.03 -12.63
CA HIS A 146 14.59 -0.26 -13.40
C HIS A 146 13.76 0.99 -13.50
N THR A 147 13.20 1.19 -14.69
CA THR A 147 12.17 2.20 -14.85
C THR A 147 11.00 1.48 -15.49
N ASN A 148 9.87 1.49 -14.79
CA ASN A 148 8.72 0.66 -15.13
C ASN A 148 7.54 1.56 -15.42
N TYR A 149 7.01 1.48 -16.64
CA TYR A 149 5.85 2.27 -17.09
C TYR A 149 4.71 1.30 -17.35
N TYR A 150 3.52 1.59 -16.83
CA TYR A 150 2.36 0.71 -17.04
C TYR A 150 1.02 1.42 -17.01
N PHE A 151 0.02 0.80 -17.65
CA PHE A 151 -1.31 1.33 -17.66
C PHE A 151 -2.31 0.21 -17.85
N ASP A 152 -3.54 0.45 -17.44
CA ASP A 152 -4.64 -0.37 -17.85
C ASP A 152 -5.61 0.52 -18.61
N VAL A 153 -6.53 -0.12 -19.31
CA VAL A 153 -7.49 0.60 -20.14
C VAL A 153 -8.66 -0.31 -20.43
N SER A 154 -9.77 0.28 -20.87
CA SER A 154 -10.92 -0.48 -21.28
C SER A 154 -10.54 -1.47 -22.38
N HIS A 155 -10.97 -2.72 -22.24
CA HIS A 155 -10.52 -3.77 -23.12
C HIS A 155 -10.83 -3.49 -24.58
N GLU A 156 -11.84 -2.66 -24.84
CA GLU A 156 -12.21 -2.29 -26.20
C GLU A 156 -11.30 -1.29 -26.91
N HIS A 157 -10.38 -0.70 -26.16
CA HIS A 157 -9.47 0.29 -26.72
C HIS A 157 -8.00 0.02 -26.38
N LEU A 158 -7.59 -1.25 -26.37
CA LEU A 158 -6.19 -1.58 -26.11
C LEU A 158 -5.25 -1.01 -27.18
N GLU A 159 -5.46 -1.39 -28.43
CA GLU A 159 -4.71 -0.85 -29.58
C GLU A 159 -4.41 0.66 -29.45
N GLY A 160 -5.43 1.47 -29.18
CA GLY A 160 -5.24 2.92 -29.12
C GLY A 160 -4.45 3.38 -27.91
N ALA A 161 -4.56 2.67 -26.81
CA ALA A 161 -3.78 3.01 -25.63
C ALA A 161 -2.31 2.61 -25.83
N LEU A 162 -2.08 1.55 -26.61
CA LEU A 162 -0.73 1.04 -26.78
C LEU A 162 0.07 1.86 -27.80
N ASP A 163 -0.55 2.14 -28.95
CA ASP A 163 -0.02 3.10 -29.93
C ASP A 163 0.57 4.34 -29.23
N ARG A 164 -0.18 4.94 -28.32
CA ARG A 164 0.29 6.14 -27.63
C ARG A 164 1.46 5.87 -26.66
N PHE A 165 1.29 4.88 -25.78
CA PHE A 165 2.35 4.42 -24.89
C PHE A 165 3.64 4.11 -25.66
N ALA A 166 3.50 3.37 -26.76
CA ALA A 166 4.63 3.01 -27.62
C ALA A 166 5.41 4.23 -28.13
N GLN A 167 4.70 5.28 -28.52
CA GLN A 167 5.37 6.48 -29.03
C GLN A 167 6.43 7.01 -28.09
N PHE A 168 6.18 6.94 -26.79
CA PHE A 168 7.17 7.37 -25.80
C PHE A 168 8.53 6.73 -25.98
N PHE A 169 8.57 5.61 -26.70
CA PHE A 169 9.81 4.87 -26.93
C PHE A 169 10.18 4.89 -28.41
N LEU A 170 9.66 5.88 -29.12
CA LEU A 170 9.91 5.99 -30.56
C LEU A 170 10.18 7.42 -30.97
N CYS A 171 9.76 8.39 -30.16
CA CYS A 171 9.91 9.77 -30.57
C CYS A 171 9.23 10.75 -29.63
N PRO A 172 9.82 10.97 -28.46
CA PRO A 172 9.34 11.94 -27.47
C PRO A 172 9.71 13.38 -27.84
N LEU A 173 8.77 14.33 -27.69
CA LEU A 173 9.06 15.73 -28.01
C LEU A 173 10.09 16.35 -27.10
N PHE A 174 10.11 15.94 -25.84
CA PHE A 174 11.10 16.44 -24.89
C PHE A 174 11.17 17.97 -24.91
N ASP A 175 10.02 18.63 -25.06
CA ASP A 175 10.01 20.09 -25.24
C ASP A 175 10.24 20.84 -23.93
N ALA A 176 10.86 22.02 -24.02
CA ALA A 176 11.31 22.77 -22.86
C ALA A 176 10.25 23.67 -22.21
N SER A 177 9.01 23.60 -22.70
CA SER A 177 7.93 24.37 -22.10
C SER A 177 7.42 23.66 -20.84
N CYS A 178 7.72 22.37 -20.74
CA CYS A 178 7.33 21.58 -19.58
C CYS A 178 8.56 21.29 -18.73
N LYS A 179 9.71 21.20 -19.40
CA LYS A 179 10.96 20.92 -18.70
C LYS A 179 11.07 21.79 -17.45
N ASP A 180 10.54 23.01 -17.53
CA ASP A 180 10.62 23.94 -16.41
C ASP A 180 9.53 23.69 -15.37
N ARG A 181 8.32 23.37 -15.81
CA ARG A 181 7.23 23.05 -14.89
C ARG A 181 7.46 21.70 -14.20
N GLU A 182 7.56 20.63 -15.00
CA GLU A 182 7.82 19.29 -14.50
C GLU A 182 8.74 19.27 -13.26
N VAL A 183 9.80 20.07 -13.29
CA VAL A 183 10.74 20.12 -12.17
C VAL A 183 10.05 20.36 -10.84
N ASN A 184 8.99 21.17 -10.86
CA ASN A 184 8.24 21.45 -9.64
C ASN A 184 7.66 20.18 -9.04
N ALA A 185 7.05 19.37 -9.90
CA ALA A 185 6.42 18.13 -9.47
C ALA A 185 7.45 17.19 -8.88
N VAL A 186 8.59 17.08 -9.55
CA VAL A 186 9.69 16.28 -9.03
C VAL A 186 10.15 16.82 -7.67
N ASP A 187 10.21 18.13 -7.56
CA ASP A 187 10.69 18.78 -6.35
C ASP A 187 9.79 18.46 -5.15
N SER A 188 8.50 18.73 -5.31
CA SER A 188 7.57 18.49 -4.21
C SER A 188 7.48 17.00 -3.89
N GLU A 189 7.62 16.18 -4.94
CA GLU A 189 7.79 14.75 -4.73
C GLU A 189 8.89 14.51 -3.71
N HIS A 190 10.08 15.05 -4.00
CA HIS A 190 11.18 14.97 -3.06
C HIS A 190 10.80 15.57 -1.71
N GLU A 191 10.25 16.78 -1.74
CA GLU A 191 9.91 17.48 -0.51
C GLU A 191 8.97 16.68 0.41
N LYS A 192 7.90 16.12 -0.16
CA LYS A 192 6.96 15.33 0.62
C LYS A 192 7.69 14.25 1.45
N ASN A 193 8.63 13.56 0.82
CA ASN A 193 9.35 12.48 1.50
C ASN A 193 10.45 12.95 2.43
N VAL A 194 10.70 14.26 2.43
CA VAL A 194 11.81 14.82 3.18
C VAL A 194 11.67 14.53 4.66
N MET A 195 10.45 14.65 5.18
CA MET A 195 10.20 14.44 6.59
C MET A 195 9.81 12.98 6.92
N ASN A 196 9.55 12.22 5.86
CA ASN A 196 9.26 10.80 5.99
C ASN A 196 10.49 10.04 6.48
N ASP A 197 10.39 9.46 7.67
CA ASP A 197 11.52 8.74 8.24
C ASP A 197 12.08 7.73 7.24
N ALA A 198 11.24 6.79 6.82
CA ALA A 198 11.66 5.68 5.95
C ALA A 198 12.60 6.10 4.82
N TRP A 199 12.23 7.17 4.10
CA TRP A 199 13.05 7.66 3.00
C TRP A 199 14.39 8.22 3.48
N ARG A 200 14.35 8.94 4.60
CA ARG A 200 15.56 9.51 5.20
C ARG A 200 16.63 8.44 5.48
N LEU A 201 16.20 7.33 6.08
CA LEU A 201 17.10 6.19 6.35
C LEU A 201 17.60 5.54 5.06
N PHE A 202 16.70 5.41 4.09
CA PHE A 202 17.07 4.86 2.79
C PHE A 202 18.30 5.57 2.24
N GLN A 203 18.15 6.86 1.94
CA GLN A 203 19.26 7.64 1.38
C GLN A 203 20.41 7.80 2.35
N LEU A 204 20.20 7.47 3.61
CA LEU A 204 21.29 7.56 4.59
C LEU A 204 22.18 6.33 4.58
N GLU A 205 21.64 5.18 4.18
CA GLU A 205 22.48 3.99 4.05
C GLU A 205 23.31 4.08 2.77
N LYS A 206 22.93 4.99 1.88
CA LYS A 206 23.66 5.20 0.63
C LYS A 206 24.87 6.13 0.79
N ALA A 207 24.75 7.13 1.64
CA ALA A 207 25.83 8.10 1.85
C ALA A 207 26.81 7.57 2.90
N THR A 208 26.36 6.60 3.69
CA THR A 208 27.22 5.93 4.64
C THR A 208 28.08 4.89 3.93
N GLY A 209 28.03 4.90 2.60
CA GLY A 209 28.79 3.96 1.81
C GLY A 209 29.77 4.64 0.86
N ASN A 210 30.50 3.81 0.11
CA ASN A 210 31.47 4.28 -0.88
C ASN A 210 30.90 5.32 -1.83
N PRO A 211 31.43 6.55 -1.76
CA PRO A 211 30.99 7.70 -2.56
C PRO A 211 31.32 7.55 -4.04
N LYS A 212 32.32 6.73 -4.36
CA LYS A 212 32.70 6.49 -5.75
C LYS A 212 31.93 5.30 -6.31
N HIS A 213 30.96 4.83 -5.53
CA HIS A 213 30.04 3.80 -6.00
C HIS A 213 28.70 4.47 -6.30
N PRO A 214 28.03 4.07 -7.39
CA PRO A 214 26.81 4.75 -7.81
C PRO A 214 25.65 4.60 -6.80
N PHE A 215 25.74 3.58 -5.95
CA PHE A 215 24.79 3.37 -4.87
C PHE A 215 24.62 4.66 -4.10
N SER A 216 25.73 5.38 -3.90
CA SER A 216 25.73 6.59 -3.07
C SER A 216 24.98 7.77 -3.69
N LYS A 217 24.74 7.71 -4.99
CA LYS A 217 24.06 8.80 -5.69
C LYS A 217 22.67 9.06 -5.14
N PHE A 218 22.18 10.26 -5.37
CA PHE A 218 20.85 10.68 -4.93
C PHE A 218 19.87 10.32 -6.02
N GLY A 219 18.92 9.44 -5.71
CA GLY A 219 18.03 8.89 -6.72
C GLY A 219 16.92 9.82 -7.16
N THR A 220 16.24 10.43 -6.18
CA THR A 220 15.04 11.24 -6.42
C THR A 220 15.29 12.50 -7.26
N GLY A 221 16.35 13.22 -6.95
CA GLY A 221 16.60 14.50 -7.59
C GLY A 221 15.72 15.57 -6.98
N ASN A 222 15.98 16.82 -7.34
CA ASN A 222 15.14 17.95 -6.93
C ASN A 222 15.51 19.19 -7.75
N LYS A 223 14.85 20.31 -7.49
CA LYS A 223 15.11 21.52 -8.26
C LYS A 223 16.54 21.99 -8.08
N TYR A 224 17.10 21.69 -6.91
CA TYR A 224 18.46 22.11 -6.56
C TYR A 224 19.52 21.51 -7.48
N THR A 225 19.32 20.26 -7.93
CA THR A 225 20.29 19.57 -8.77
C THR A 225 19.75 19.24 -10.16
N LEU A 226 18.73 19.97 -10.60
CA LEU A 226 18.04 19.60 -11.82
C LEU A 226 17.91 20.77 -12.79
N GLU A 227 17.50 21.92 -12.27
CA GLU A 227 17.41 23.12 -13.09
C GLU A 227 18.59 24.01 -12.76
N THR A 228 19.01 23.94 -11.51
CA THR A 228 19.93 24.93 -10.95
C THR A 228 21.42 24.65 -11.17
N ARG A 229 21.92 23.54 -10.64
CA ARG A 229 23.34 23.23 -10.78
C ARG A 229 23.80 23.30 -12.24
N PRO A 230 22.90 22.94 -13.18
CA PRO A 230 23.15 23.11 -14.63
C PRO A 230 23.54 24.52 -15.09
N ASN A 231 22.77 25.55 -14.80
CA ASN A 231 23.13 26.89 -15.27
C ASN A 231 24.42 27.44 -14.65
N GLN A 232 24.64 27.16 -13.38
CA GLN A 232 25.79 27.72 -12.68
C GLN A 232 27.00 26.79 -12.73
N GLU A 233 26.94 25.80 -13.61
CA GLU A 233 28.08 24.94 -13.86
C GLU A 233 28.07 24.57 -15.33
N GLY A 234 27.24 25.28 -16.09
CA GLY A 234 27.00 24.97 -17.49
C GLY A 234 26.25 23.66 -17.61
N ILE A 235 25.91 23.28 -18.83
CA ILE A 235 25.28 21.99 -19.11
C ILE A 235 23.77 22.10 -19.32
N ASP A 236 23.31 21.55 -20.44
CA ASP A 236 21.90 21.62 -20.80
C ASP A 236 21.19 20.37 -20.31
N VAL A 237 20.25 20.55 -19.37
CA VAL A 237 19.49 19.42 -18.86
C VAL A 237 18.45 18.95 -19.87
N ARG A 238 18.43 19.59 -21.03
CA ARG A 238 17.60 19.16 -22.14
C ARG A 238 18.49 18.31 -23.04
N GLU A 239 19.75 18.74 -23.14
CA GLU A 239 20.75 18.00 -23.89
C GLU A 239 21.19 16.78 -23.09
N GLU A 240 21.33 16.95 -21.78
CA GLU A 240 21.69 15.86 -20.89
C GLU A 240 20.64 14.76 -20.93
N LEU A 241 19.39 15.16 -20.74
CA LEU A 241 18.29 14.21 -20.86
C LEU A 241 18.46 13.44 -22.15
N LEU A 242 18.48 14.17 -23.26
CA LEU A 242 18.57 13.54 -24.58
C LEU A 242 19.70 12.53 -24.69
N LYS A 243 20.85 12.85 -24.12
CA LYS A 243 22.01 11.96 -24.14
C LYS A 243 21.69 10.65 -23.42
N PHE A 244 21.41 10.78 -22.12
CA PHE A 244 20.94 9.69 -21.28
C PHE A 244 19.92 8.82 -22.00
N HIS A 245 18.83 9.44 -22.44
CA HIS A 245 17.77 8.74 -23.14
C HIS A 245 18.27 8.01 -24.38
N SER A 246 19.38 8.51 -24.92
CA SER A 246 19.89 8.01 -26.18
C SER A 246 21.04 7.03 -25.97
N THR A 247 21.61 7.03 -24.76
CA THR A 247 22.61 6.03 -24.46
C THR A 247 21.92 4.83 -23.82
N TYR A 248 20.90 5.08 -23.01
CA TYR A 248 20.36 4.02 -22.16
C TYR A 248 19.01 3.46 -22.59
N TYR A 249 18.24 4.21 -23.36
CA TYR A 249 16.92 3.74 -23.76
C TYR A 249 16.98 2.86 -24.98
N SER A 250 17.48 1.65 -24.77
CA SER A 250 17.68 0.72 -25.86
C SER A 250 16.77 -0.49 -25.76
N SER A 251 16.27 -0.95 -26.91
CA SER A 251 15.44 -2.14 -26.95
C SER A 251 16.10 -3.37 -26.30
N ASN A 252 17.41 -3.52 -26.43
CA ASN A 252 18.05 -4.70 -25.88
C ASN A 252 17.82 -4.81 -24.37
N LEU A 253 17.51 -3.69 -23.75
CA LEU A 253 17.32 -3.64 -22.30
C LEU A 253 15.85 -3.43 -21.88
N MET A 254 14.92 -3.78 -22.76
CA MET A 254 13.50 -3.54 -22.50
C MET A 254 12.74 -4.86 -22.42
N ALA A 255 11.76 -4.92 -21.53
CA ALA A 255 10.82 -6.02 -21.50
C ALA A 255 9.40 -5.48 -21.49
N ILE A 256 8.48 -6.17 -22.15
CA ILE A 256 7.10 -5.74 -22.28
C ILE A 256 6.16 -6.88 -21.94
N CYS A 257 5.01 -6.53 -21.35
CA CYS A 257 3.97 -7.50 -21.05
C CYS A 257 2.64 -6.87 -21.37
N VAL A 258 1.82 -7.62 -22.10
CA VAL A 258 0.55 -7.12 -22.59
C VAL A 258 -0.57 -8.13 -22.34
N LEU A 259 -1.68 -7.64 -21.79
CA LEU A 259 -2.84 -8.47 -21.47
C LEU A 259 -4.05 -7.86 -22.13
N GLY A 260 -4.77 -8.66 -22.91
CA GLY A 260 -6.00 -8.20 -23.50
C GLY A 260 -6.92 -9.35 -23.86
N ARG A 261 -8.12 -9.03 -24.34
CA ARG A 261 -9.06 -10.06 -24.77
C ARG A 261 -8.63 -10.78 -26.04
N GLU A 262 -8.03 -10.03 -26.96
CA GLU A 262 -7.55 -10.55 -28.23
C GLU A 262 -6.84 -11.87 -28.06
N SER A 263 -6.79 -12.66 -29.14
CA SER A 263 -6.06 -13.93 -29.09
C SER A 263 -4.56 -13.67 -29.08
N LEU A 264 -3.78 -14.71 -28.82
CA LEU A 264 -2.33 -14.59 -28.71
C LEU A 264 -1.73 -14.14 -30.04
N ASP A 265 -2.18 -14.79 -31.11
CA ASP A 265 -1.81 -14.41 -32.47
C ASP A 265 -2.01 -12.92 -32.69
N ASP A 266 -3.23 -12.44 -32.41
CA ASP A 266 -3.55 -11.00 -32.53
C ASP A 266 -2.64 -10.09 -31.70
N LEU A 267 -2.30 -10.52 -30.49
CA LEU A 267 -1.47 -9.70 -29.60
C LEU A 267 -0.07 -9.66 -30.14
N THR A 268 0.34 -10.80 -30.70
CA THR A 268 1.64 -10.93 -31.35
C THR A 268 1.78 -9.86 -32.41
N ASN A 269 0.87 -9.85 -33.37
CA ASN A 269 0.94 -8.84 -34.42
C ASN A 269 0.94 -7.46 -33.82
N LEU A 270 0.03 -7.21 -32.87
CA LEU A 270 -0.10 -5.87 -32.32
C LEU A 270 1.24 -5.41 -31.73
N VAL A 271 1.85 -6.28 -30.95
CA VAL A 271 3.13 -5.95 -30.33
C VAL A 271 4.25 -5.76 -31.36
N VAL A 272 4.41 -6.74 -32.26
CA VAL A 272 5.42 -6.64 -33.29
C VAL A 272 5.26 -5.31 -34.01
N LYS A 273 4.05 -5.02 -34.46
CA LYS A 273 3.77 -3.82 -35.21
C LYS A 273 4.22 -2.57 -34.45
N LEU A 274 3.92 -2.51 -33.17
CA LEU A 274 4.18 -1.29 -32.43
C LEU A 274 5.60 -1.21 -31.91
N PHE A 275 6.18 -2.34 -31.54
CA PHE A 275 7.43 -2.29 -30.80
C PHE A 275 8.69 -2.77 -31.54
N SER A 276 8.51 -3.50 -32.64
CA SER A 276 9.63 -4.07 -33.39
C SER A 276 10.65 -3.03 -33.88
N GLU A 277 10.21 -1.79 -34.03
CA GLU A 277 11.09 -0.75 -34.56
C GLU A 277 11.63 0.20 -33.50
N VAL A 278 11.47 -0.16 -32.23
CA VAL A 278 12.22 0.53 -31.18
C VAL A 278 13.68 0.40 -31.55
N GLU A 279 14.46 1.42 -31.24
CA GLU A 279 15.86 1.47 -31.59
C GLU A 279 16.74 0.66 -30.65
N ASN A 280 17.54 -0.24 -31.22
CA ASN A 280 18.53 -0.96 -30.44
C ASN A 280 19.87 -0.21 -30.38
N LYS A 281 20.37 0.02 -29.18
CA LYS A 281 21.66 0.67 -29.05
C LYS A 281 22.73 -0.30 -28.54
N ASN A 282 22.34 -1.54 -28.31
CA ASN A 282 23.25 -2.57 -27.82
C ASN A 282 24.06 -2.07 -26.65
N VAL A 283 23.37 -1.46 -25.69
CA VAL A 283 24.05 -1.00 -24.51
C VAL A 283 24.44 -2.21 -23.67
N PRO A 284 25.72 -2.33 -23.33
CA PRO A 284 26.02 -3.38 -22.36
C PRO A 284 25.20 -3.12 -21.10
N LEU A 285 24.62 -4.16 -20.52
CA LEU A 285 23.88 -4.05 -19.27
C LEU A 285 24.79 -3.54 -18.17
N PRO A 286 24.35 -2.49 -17.47
CA PRO A 286 25.17 -1.96 -16.36
C PRO A 286 25.37 -2.99 -15.26
N GLU A 287 26.48 -2.86 -14.54
CA GLU A 287 26.81 -3.80 -13.47
C GLU A 287 27.60 -3.12 -12.35
N PHE A 288 27.36 -3.56 -11.12
CA PHE A 288 28.00 -2.96 -9.95
C PHE A 288 28.55 -4.05 -9.02
N PRO A 289 29.58 -4.78 -9.50
CA PRO A 289 30.09 -6.00 -8.84
C PRO A 289 31.07 -5.78 -7.67
N GLU A 290 31.66 -4.60 -7.55
CA GLU A 290 32.66 -4.36 -6.51
C GLU A 290 32.08 -4.25 -5.09
N HIS A 291 30.86 -3.71 -4.99
CA HIS A 291 30.13 -3.59 -3.72
C HIS A 291 30.33 -2.29 -2.95
N PRO A 292 29.22 -1.59 -2.64
CA PRO A 292 29.19 -0.22 -2.13
C PRO A 292 29.79 -0.05 -0.74
N PHE A 293 29.90 -1.13 0.02
CA PHE A 293 30.36 -1.02 1.39
C PHE A 293 31.62 -1.85 1.61
N GLN A 294 32.77 -1.20 1.51
CA GLN A 294 34.06 -1.85 1.68
C GLN A 294 34.35 -2.06 3.16
N GLU A 295 35.52 -2.63 3.45
CA GLU A 295 35.89 -2.93 4.82
C GLU A 295 35.93 -1.69 5.71
N GLU A 296 36.09 -0.53 5.09
CA GLU A 296 36.12 0.73 5.84
C GLU A 296 34.73 1.07 6.39
N HIS A 297 33.68 0.71 5.65
CA HIS A 297 32.31 0.99 6.06
C HIS A 297 31.74 -0.09 6.95
N LEU A 298 32.47 -1.18 7.13
CA LEU A 298 32.00 -2.24 8.01
C LEU A 298 32.35 -1.87 9.43
N LYS A 299 31.82 -2.61 10.40
CA LYS A 299 32.06 -2.29 11.79
C LYS A 299 31.59 -0.87 12.19
N GLN A 300 30.70 -0.29 11.40
CA GLN A 300 30.18 1.05 11.68
C GLN A 300 28.90 1.03 12.52
N LEU A 301 28.65 2.15 13.20
CA LEU A 301 27.45 2.37 14.00
C LEU A 301 26.92 3.76 13.70
N TYR A 302 25.60 3.86 13.54
CA TYR A 302 25.00 5.15 13.26
C TYR A 302 23.90 5.46 14.25
N LYS A 303 23.99 6.64 14.86
CA LYS A 303 22.95 7.15 15.73
C LYS A 303 22.16 8.16 14.92
N ILE A 304 20.94 7.78 14.55
CA ILE A 304 20.13 8.64 13.72
C ILE A 304 18.99 9.19 14.55
N VAL A 305 18.65 10.44 14.28
CA VAL A 305 17.56 11.16 14.92
C VAL A 305 16.36 11.15 13.97
N PRO A 306 15.25 10.51 14.39
CA PRO A 306 14.02 10.37 13.61
C PRO A 306 13.11 11.60 13.68
N ILE A 307 12.19 11.71 12.72
CA ILE A 307 11.13 12.70 12.82
C ILE A 307 10.04 12.20 13.77
N LYS A 308 9.48 11.03 13.47
CA LYS A 308 8.55 10.34 14.38
C LYS A 308 9.29 9.93 15.64
N ASP A 309 8.59 9.77 16.75
CA ASP A 309 9.24 9.30 17.97
C ASP A 309 9.23 7.77 18.04
N ILE A 310 10.10 7.13 17.26
CA ILE A 310 10.21 5.67 17.26
C ILE A 310 11.54 5.23 17.86
N ARG A 311 11.63 3.93 18.16
CA ARG A 311 12.90 3.32 18.50
C ARG A 311 13.09 2.08 17.65
N ASN A 312 14.01 2.17 16.70
CA ASN A 312 14.30 1.05 15.83
C ASN A 312 15.80 0.77 15.74
N LEU A 313 16.13 -0.50 15.56
CA LEU A 313 17.50 -0.94 15.40
C LEU A 313 17.65 -1.66 14.06
N TYR A 314 18.61 -1.22 13.24
CA TYR A 314 18.86 -1.83 11.94
C TYR A 314 20.23 -2.53 11.84
N VAL A 315 20.19 -3.82 11.61
CA VAL A 315 21.41 -4.60 11.47
C VAL A 315 21.50 -5.08 10.03
N THR A 316 22.68 -4.93 9.43
CA THR A 316 22.85 -5.10 7.99
C THR A 316 24.15 -5.80 7.61
N PHE A 317 24.04 -6.94 6.94
CA PHE A 317 25.18 -7.67 6.40
C PHE A 317 25.22 -7.57 4.87
N PRO A 318 26.25 -6.93 4.32
CA PRO A 318 26.43 -6.92 2.86
C PRO A 318 26.60 -8.35 2.38
N ILE A 319 25.95 -8.75 1.29
CA ILE A 319 26.16 -10.11 0.76
C ILE A 319 26.31 -10.11 -0.75
N PRO A 320 26.89 -11.20 -1.32
CA PRO A 320 27.00 -11.20 -2.78
C PRO A 320 25.63 -11.39 -3.38
N ASP A 321 25.50 -11.14 -4.68
CA ASP A 321 24.23 -11.26 -5.37
C ASP A 321 23.76 -12.72 -5.46
N LEU A 322 22.55 -12.99 -4.98
CA LEU A 322 22.04 -14.34 -4.96
C LEU A 322 20.99 -14.57 -6.04
N GLN A 323 20.78 -13.52 -6.85
CA GLN A 323 19.87 -13.58 -7.99
C GLN A 323 19.96 -14.88 -8.81
N GLN A 324 21.17 -15.24 -9.19
CA GLN A 324 21.37 -16.37 -10.08
C GLN A 324 20.82 -17.65 -9.43
N TYR A 325 20.82 -17.65 -8.10
CA TYR A 325 20.47 -18.84 -7.35
C TYR A 325 18.98 -18.97 -7.04
N TYR A 326 18.13 -18.27 -7.77
CA TYR A 326 16.70 -18.27 -7.44
C TYR A 326 16.06 -19.67 -7.37
N LYS A 327 16.59 -20.65 -8.07
CA LYS A 327 16.00 -21.98 -8.01
C LYS A 327 16.16 -22.63 -6.64
N SER A 328 17.03 -22.07 -5.81
CA SER A 328 17.22 -22.63 -4.48
C SER A 328 17.13 -21.61 -3.36
N ASN A 329 17.30 -20.33 -3.69
CA ASN A 329 17.06 -19.24 -2.74
C ASN A 329 17.68 -19.38 -1.35
N PRO A 330 19.01 -19.36 -1.28
CA PRO A 330 19.66 -19.48 0.02
C PRO A 330 19.34 -18.29 0.93
N GLY A 331 19.21 -17.11 0.36
CA GLY A 331 19.01 -15.93 1.20
C GLY A 331 17.68 -15.96 1.91
N HIS A 332 16.74 -16.70 1.37
CA HIS A 332 15.44 -16.67 1.97
C HIS A 332 15.05 -17.93 2.68
N TYR A 333 15.90 -18.94 2.60
CA TYR A 333 15.84 -20.02 3.55
C TYR A 333 16.35 -19.46 4.88
N LEU A 334 17.43 -18.67 4.83
CA LEU A 334 17.93 -18.04 6.07
C LEU A 334 16.98 -16.97 6.60
N GLY A 335 16.42 -16.16 5.70
CA GLY A 335 15.44 -15.18 6.10
C GLY A 335 14.26 -15.83 6.81
N HIS A 336 13.89 -17.01 6.33
CA HIS A 336 12.73 -17.70 6.86
C HIS A 336 12.93 -18.10 8.32
N LEU A 337 14.15 -18.48 8.69
CA LEU A 337 14.45 -18.94 10.04
C LEU A 337 14.80 -17.78 10.94
N ILE A 338 15.43 -16.77 10.37
CA ILE A 338 15.90 -15.65 11.16
C ILE A 338 14.76 -14.67 11.45
N GLY A 339 13.83 -14.53 10.51
CA GLY A 339 12.63 -13.74 10.72
C GLY A 339 11.43 -14.58 11.17
N HIS A 340 11.63 -15.84 11.52
CA HIS A 340 10.58 -16.66 12.11
C HIS A 340 10.07 -16.07 13.44
N GLU A 341 8.82 -16.37 13.75
CA GLU A 341 8.17 -15.83 14.94
C GLU A 341 7.59 -16.98 15.71
N GLY A 342 7.20 -16.72 16.95
CA GLY A 342 6.69 -17.79 17.76
C GLY A 342 7.64 -18.96 18.03
N PRO A 343 7.09 -20.08 18.53
CA PRO A 343 7.76 -21.09 19.35
C PRO A 343 9.26 -21.27 19.06
N GLY A 344 10.08 -20.79 19.99
CA GLY A 344 11.50 -21.03 19.96
C GLY A 344 12.27 -20.11 19.04
N SER A 345 11.55 -19.22 18.35
CA SER A 345 12.20 -18.32 17.41
C SER A 345 13.04 -17.31 18.15
N LEU A 346 13.78 -16.55 17.37
CA LEU A 346 14.61 -15.47 17.89
C LEU A 346 13.79 -14.32 18.47
N LEU A 347 12.74 -13.90 17.77
CA LEU A 347 11.93 -12.77 18.19
C LEU A 347 11.25 -13.04 19.53
N SER A 348 10.82 -14.29 19.71
CA SER A 348 10.21 -14.72 20.96
C SER A 348 11.08 -14.29 22.14
N GLU A 349 12.33 -14.71 22.10
CA GLU A 349 13.31 -14.37 23.13
C GLU A 349 13.44 -12.88 23.34
N LEU A 350 13.68 -12.13 22.26
CA LEU A 350 13.86 -10.69 22.36
C LEU A 350 12.63 -10.01 22.92
N LYS A 351 11.53 -10.75 22.94
CA LYS A 351 10.25 -10.21 23.37
C LYS A 351 10.10 -10.47 24.85
N SER A 352 10.57 -11.64 25.27
CA SER A 352 10.52 -12.06 26.67
C SER A 352 11.41 -11.21 27.56
N LYS A 353 12.51 -10.73 27.01
CA LYS A 353 13.35 -9.77 27.73
C LYS A 353 12.68 -8.40 27.72
N GLY A 354 11.55 -8.31 27.01
CA GLY A 354 10.81 -7.06 26.96
C GLY A 354 11.62 -6.00 26.25
N TRP A 355 12.42 -6.45 25.29
CA TRP A 355 13.31 -5.54 24.56
C TRP A 355 12.71 -5.12 23.24
N VAL A 356 11.98 -6.04 22.62
CA VAL A 356 11.58 -5.82 21.25
C VAL A 356 10.18 -6.35 20.98
N ASN A 357 9.43 -5.61 20.18
CA ASN A 357 8.07 -6.00 19.85
C ASN A 357 7.98 -6.72 18.51
N THR A 358 8.64 -6.18 17.50
CA THR A 358 8.60 -6.77 16.16
C THR A 358 10.00 -7.06 15.59
N LEU A 359 10.07 -8.10 14.78
CA LEU A 359 11.29 -8.51 14.12
C LEU A 359 11.00 -8.79 12.64
N VAL A 360 11.79 -8.19 11.76
CA VAL A 360 11.78 -8.56 10.36
C VAL A 360 13.20 -8.88 9.91
N GLY A 361 13.39 -10.05 9.32
CA GLY A 361 14.71 -10.46 8.86
C GLY A 361 14.75 -11.17 7.52
N GLY A 362 15.86 -10.98 6.80
CA GLY A 362 16.03 -11.66 5.52
C GLY A 362 16.73 -10.84 4.45
N GLN A 363 16.58 -11.24 3.20
CA GLN A 363 17.39 -10.66 2.14
C GLN A 363 16.75 -9.41 1.52
N LYS A 364 17.60 -8.47 1.15
CA LYS A 364 17.17 -7.14 0.71
C LYS A 364 17.84 -6.74 -0.61
N GLU A 365 17.04 -6.23 -1.54
CA GLU A 365 17.53 -5.86 -2.87
C GLU A 365 18.65 -4.82 -2.78
N GLY A 366 19.58 -4.89 -3.71
CA GLY A 366 20.62 -3.89 -3.85
C GLY A 366 20.67 -3.44 -5.29
N ALA A 367 21.49 -4.12 -6.07
CA ALA A 367 21.62 -3.91 -7.50
C ALA A 367 22.52 -5.01 -8.03
N ARG A 368 22.36 -5.35 -9.31
CA ARG A 368 23.16 -6.38 -9.97
C ARG A 368 24.62 -6.38 -9.52
N GLY A 369 25.00 -7.38 -8.74
CA GLY A 369 26.34 -7.46 -8.20
C GLY A 369 26.42 -7.51 -6.67
N PHE A 370 25.42 -6.96 -5.99
CA PHE A 370 25.41 -6.94 -4.53
C PHE A 370 24.01 -6.92 -3.91
N MET A 371 23.95 -7.33 -2.66
CA MET A 371 22.73 -7.30 -1.85
C MET A 371 23.05 -7.00 -0.39
N PHE A 372 22.06 -7.20 0.47
CA PHE A 372 22.25 -7.05 1.90
C PHE A 372 21.36 -8.08 2.59
N PHE A 373 21.74 -8.48 3.80
CA PHE A 373 20.86 -9.30 4.61
C PHE A 373 20.61 -8.45 5.84
N ILE A 374 19.34 -8.22 6.15
CA ILE A 374 18.99 -7.32 7.24
C ILE A 374 18.22 -8.01 8.36
N ILE A 375 18.26 -7.38 9.52
CA ILE A 375 17.50 -7.83 10.67
C ILE A 375 17.09 -6.57 11.40
N ASN A 376 15.80 -6.22 11.31
CA ASN A 376 15.29 -5.02 11.97
C ASN A 376 14.33 -5.36 13.12
N VAL A 377 14.36 -4.55 14.16
CA VAL A 377 13.45 -4.72 15.29
C VAL A 377 13.08 -3.34 15.82
N ASP A 378 11.90 -3.23 16.44
CA ASP A 378 11.59 -2.01 17.19
C ASP A 378 11.93 -2.21 18.66
N LEU A 379 12.43 -1.15 19.28
CA LEU A 379 12.90 -1.26 20.65
C LEU A 379 11.85 -0.77 21.65
N THR A 380 11.67 -1.52 22.72
CA THR A 380 10.93 -1.05 23.88
C THR A 380 11.81 0.00 24.53
N GLU A 381 11.36 0.61 25.62
CA GLU A 381 12.25 1.54 26.33
C GLU A 381 13.47 0.76 26.80
N GLU A 382 13.25 -0.41 27.40
CA GLU A 382 14.35 -1.24 27.88
C GLU A 382 15.28 -1.73 26.75
N GLY A 383 14.71 -1.95 25.57
CA GLY A 383 15.50 -2.38 24.43
C GLY A 383 16.57 -1.38 24.06
N LEU A 384 16.24 -0.09 24.14
CA LEU A 384 17.16 0.97 23.70
C LEU A 384 18.39 1.03 24.60
N LEU A 385 18.23 0.61 25.85
CA LEU A 385 19.35 0.52 26.77
C LEU A 385 20.14 -0.77 26.61
N HIS A 386 19.66 -1.68 25.76
CA HIS A 386 20.35 -2.96 25.61
C HIS A 386 20.65 -3.35 24.16
N VAL A 387 20.81 -2.35 23.31
CA VAL A 387 21.13 -2.60 21.90
C VAL A 387 22.23 -3.64 21.79
N GLU A 388 23.35 -3.38 22.46
CA GLU A 388 24.48 -4.30 22.47
C GLU A 388 24.05 -5.74 22.79
N ASP A 389 23.18 -5.90 23.77
CA ASP A 389 22.78 -7.22 24.24
C ASP A 389 21.75 -7.83 23.32
N ILE A 390 20.96 -6.97 22.70
CA ILE A 390 20.05 -7.39 21.67
C ILE A 390 20.88 -8.03 20.55
N ILE A 391 21.80 -7.27 20.00
CA ILE A 391 22.59 -7.75 18.87
C ILE A 391 23.33 -9.04 19.22
N LEU A 392 23.79 -9.15 20.46
CA LEU A 392 24.48 -10.35 20.87
C LEU A 392 23.59 -11.56 20.70
N HIS A 393 22.32 -11.41 21.04
CA HIS A 393 21.34 -12.46 20.88
C HIS A 393 21.11 -12.81 19.39
N MET A 394 21.20 -11.81 18.52
CA MET A 394 21.08 -12.05 17.08
C MET A 394 22.17 -12.98 16.59
N PHE A 395 23.40 -12.68 16.97
CA PHE A 395 24.52 -13.54 16.60
C PHE A 395 24.45 -14.90 17.28
N GLN A 396 23.81 -14.95 18.46
CA GLN A 396 23.63 -16.23 19.15
C GLN A 396 22.70 -17.18 18.39
N TYR A 397 21.61 -16.64 17.85
CA TYR A 397 20.71 -17.41 17.02
C TYR A 397 21.42 -17.85 15.76
N ILE A 398 22.09 -16.89 15.12
CA ILE A 398 22.92 -17.18 13.96
C ILE A 398 23.83 -18.36 14.27
N GLN A 399 24.68 -18.18 15.27
CA GLN A 399 25.66 -19.19 15.65
C GLN A 399 24.98 -20.54 15.74
N LYS A 400 23.78 -20.52 16.30
CA LYS A 400 22.97 -21.72 16.43
C LYS A 400 22.68 -22.35 15.06
N LEU A 401 22.53 -21.50 14.04
CA LEU A 401 22.30 -22.00 12.69
C LEU A 401 23.54 -22.68 12.13
N ARG A 402 24.69 -22.07 12.34
CA ARG A 402 25.95 -22.64 11.88
C ARG A 402 26.16 -23.98 12.56
N ALA A 403 25.96 -24.00 13.87
CA ALA A 403 25.99 -25.25 14.64
C ALA A 403 25.11 -26.31 13.98
N GLU A 404 23.82 -25.99 13.87
CA GLU A 404 22.81 -26.91 13.37
C GLU A 404 23.02 -27.31 11.91
N GLY A 405 23.35 -26.33 11.07
CA GLY A 405 23.54 -26.58 9.65
C GLY A 405 22.24 -26.71 8.86
N PRO A 406 22.32 -26.42 7.55
CA PRO A 406 21.17 -26.45 6.65
C PRO A 406 20.32 -27.67 6.92
N GLN A 407 18.99 -27.54 6.83
CA GLN A 407 18.10 -28.68 7.12
C GLN A 407 17.18 -28.93 5.94
N GLU A 408 17.20 -30.15 5.42
CA GLU A 408 16.44 -30.44 4.22
C GLU A 408 14.93 -30.34 4.40
N TRP A 409 14.44 -30.72 5.59
CA TRP A 409 13.01 -30.77 5.78
C TRP A 409 12.40 -29.36 5.72
N VAL A 410 13.05 -28.41 6.37
CA VAL A 410 12.64 -27.01 6.25
C VAL A 410 12.51 -26.57 4.80
N PHE A 411 13.62 -26.53 4.08
CA PHE A 411 13.58 -26.16 2.67
C PHE A 411 12.47 -26.92 1.95
N GLN A 412 12.29 -28.18 2.35
CA GLN A 412 11.31 -29.03 1.73
C GLN A 412 9.91 -28.51 2.05
N GLU A 413 9.74 -27.97 3.26
CA GLU A 413 8.45 -27.49 3.69
C GLU A 413 8.14 -26.21 2.93
N CYS A 414 9.12 -25.32 2.89
CA CYS A 414 9.00 -24.08 2.15
C CYS A 414 8.65 -24.42 0.72
N LYS A 415 9.23 -25.49 0.21
CA LYS A 415 9.05 -25.82 -1.18
C LYS A 415 7.58 -26.10 -1.43
N ASP A 416 6.98 -26.90 -0.54
CA ASP A 416 5.63 -27.38 -0.77
C ASP A 416 4.56 -26.32 -0.55
N LEU A 417 4.78 -25.46 0.42
CA LEU A 417 3.90 -24.34 0.67
C LEU A 417 3.87 -23.46 -0.58
N ASN A 418 5.04 -23.07 -1.06
CA ASN A 418 5.12 -22.12 -2.18
C ASN A 418 4.46 -22.67 -3.42
N ALA A 419 4.60 -23.98 -3.61
CA ALA A 419 4.00 -24.66 -4.74
C ALA A 419 2.47 -24.54 -4.72
N VAL A 420 1.88 -24.79 -3.56
CA VAL A 420 0.43 -24.67 -3.42
C VAL A 420 0.04 -23.20 -3.56
N ALA A 421 0.80 -22.35 -2.87
CA ALA A 421 0.67 -20.91 -2.99
C ALA A 421 0.67 -20.47 -4.44
N PHE A 422 1.50 -21.12 -5.26
CA PHE A 422 1.56 -20.71 -6.64
C PHE A 422 0.36 -21.25 -7.41
N ARG A 423 -0.01 -22.49 -7.15
CA ARG A 423 -1.10 -23.10 -7.88
C ARG A 423 -2.38 -22.31 -7.61
N PHE A 424 -2.62 -22.03 -6.33
CA PHE A 424 -3.85 -21.41 -5.92
C PHE A 424 -3.70 -19.88 -5.73
N LYS A 425 -2.75 -19.27 -6.44
CA LYS A 425 -2.60 -17.80 -6.46
C LYS A 425 -3.90 -17.09 -6.90
N ASP A 426 -4.34 -16.06 -6.17
CA ASP A 426 -5.52 -15.31 -6.61
C ASP A 426 -5.25 -14.65 -7.95
N LYS A 427 -6.26 -14.61 -8.80
CA LYS A 427 -6.12 -13.91 -10.06
C LYS A 427 -5.81 -12.41 -9.77
N GLU A 428 -4.76 -11.89 -10.40
CA GLU A 428 -4.22 -10.57 -10.17
C GLU A 428 -4.97 -9.46 -10.95
N ARG A 429 -4.94 -8.23 -10.47
CA ARG A 429 -5.42 -7.12 -11.29
C ARG A 429 -4.42 -6.96 -12.42
N PRO A 430 -4.89 -6.89 -13.68
CA PRO A 430 -4.12 -6.75 -14.92
C PRO A 430 -3.01 -5.70 -14.86
N ARG A 431 -3.30 -4.51 -14.31
CA ARG A 431 -2.30 -3.46 -14.30
C ARG A 431 -1.08 -3.81 -13.45
N GLY A 432 -1.30 -4.45 -12.32
CA GLY A 432 -0.22 -4.80 -11.42
C GLY A 432 0.49 -6.06 -11.91
N TYR A 433 -0.21 -6.88 -12.70
CA TYR A 433 0.37 -8.15 -13.17
C TYR A 433 1.42 -7.87 -14.26
N THR A 434 1.00 -7.20 -15.32
CA THR A 434 1.93 -6.84 -16.39
C THR A 434 3.15 -6.07 -15.89
N SER A 435 2.93 -5.14 -14.97
CA SER A 435 4.05 -4.37 -14.43
C SER A 435 5.04 -5.31 -13.72
N LYS A 436 4.53 -6.21 -12.90
CA LYS A 436 5.39 -7.18 -12.23
C LYS A 436 6.09 -8.08 -13.24
N ILE A 437 5.35 -8.49 -14.27
CA ILE A 437 5.91 -9.44 -15.22
C ILE A 437 7.03 -8.79 -16.08
N ALA A 438 6.78 -7.57 -16.55
CA ALA A 438 7.78 -6.82 -17.29
C ALA A 438 9.10 -6.79 -16.54
N GLY A 439 9.03 -6.54 -15.23
CA GLY A 439 10.23 -6.50 -14.41
C GLY A 439 10.92 -7.86 -14.40
N LYS A 440 10.14 -8.92 -14.20
CA LYS A 440 10.71 -10.26 -14.07
C LYS A 440 11.28 -10.80 -15.37
N LEU A 441 10.86 -10.24 -16.49
CA LEU A 441 11.38 -10.68 -17.80
C LEU A 441 12.89 -10.53 -18.00
N HIS A 442 13.53 -9.65 -17.23
CA HIS A 442 14.98 -9.46 -17.29
C HIS A 442 15.78 -10.56 -16.59
N TYR A 443 15.12 -11.35 -15.76
CA TYR A 443 15.84 -12.26 -14.87
C TYR A 443 15.63 -13.75 -15.17
N TYR A 444 14.61 -14.06 -15.94
CA TYR A 444 14.26 -15.44 -16.12
C TYR A 444 13.92 -15.76 -17.55
N PRO A 445 14.03 -17.05 -17.92
CA PRO A 445 13.61 -17.47 -19.26
C PRO A 445 12.11 -17.35 -19.41
N LEU A 446 11.64 -17.11 -20.63
CA LEU A 446 10.22 -17.00 -20.88
C LEU A 446 9.44 -18.06 -20.08
N ASN A 447 9.68 -19.33 -20.42
CA ASN A 447 8.83 -20.39 -19.89
C ASN A 447 8.80 -20.44 -18.37
N GLY A 448 9.72 -19.73 -17.73
CA GLY A 448 9.75 -19.67 -16.29
C GLY A 448 9.44 -18.32 -15.65
N VAL A 449 8.95 -17.33 -16.41
CA VAL A 449 8.68 -16.01 -15.84
C VAL A 449 7.58 -15.98 -14.77
N LEU A 450 6.59 -16.86 -14.90
CA LEU A 450 5.50 -16.98 -13.93
C LEU A 450 5.91 -17.73 -12.66
N THR A 451 6.58 -18.86 -12.81
CA THR A 451 6.93 -19.70 -11.65
C THR A 451 8.12 -19.21 -10.84
N ALA A 452 9.04 -18.49 -11.49
CA ALA A 452 10.22 -17.96 -10.81
C ALA A 452 9.84 -17.17 -9.56
N GLU A 453 10.60 -17.39 -8.49
CA GLU A 453 10.36 -16.75 -7.19
C GLU A 453 9.26 -17.39 -6.33
N TYR A 454 8.49 -18.33 -6.88
CA TYR A 454 7.55 -19.11 -6.09
C TYR A 454 8.00 -20.56 -6.02
N LEU A 455 8.32 -21.16 -7.15
CA LEU A 455 8.76 -22.54 -7.16
C LEU A 455 10.25 -22.73 -6.83
N LEU A 456 10.54 -23.58 -5.84
CA LEU A 456 11.89 -23.99 -5.56
C LEU A 456 12.18 -25.27 -6.35
N GLU A 457 13.42 -25.72 -6.30
CA GLU A 457 13.79 -26.94 -7.01
C GLU A 457 14.89 -27.63 -6.24
N GLU A 458 16.12 -27.38 -6.63
CA GLU A 458 17.27 -27.96 -5.96
C GLU A 458 17.33 -27.47 -4.51
N PHE A 459 17.76 -28.36 -3.61
CA PHE A 459 18.17 -27.98 -2.27
C PHE A 459 19.70 -27.83 -2.27
N ARG A 460 20.22 -26.78 -1.63
CA ARG A 460 21.62 -26.45 -1.79
C ARG A 460 22.29 -26.07 -0.49
N PRO A 461 22.62 -27.07 0.32
CA PRO A 461 23.25 -26.84 1.63
C PRO A 461 24.46 -25.91 1.50
N ASP A 462 25.17 -26.08 0.39
CA ASP A 462 26.41 -25.35 0.14
C ASP A 462 26.16 -23.85 -0.01
N LEU A 463 25.18 -23.47 -0.82
CA LEU A 463 24.85 -22.06 -1.03
C LEU A 463 24.36 -21.40 0.26
N ILE A 464 23.59 -22.17 1.02
CA ILE A 464 23.08 -21.69 2.29
C ILE A 464 24.22 -21.40 3.26
N ASP A 465 25.11 -22.37 3.45
CA ASP A 465 26.28 -22.15 4.28
C ASP A 465 27.04 -20.93 3.78
N MET A 466 27.13 -20.81 2.47
CA MET A 466 27.89 -19.71 1.89
C MET A 466 27.38 -18.36 2.38
N VAL A 467 26.08 -18.11 2.23
CA VAL A 467 25.50 -16.88 2.74
C VAL A 467 25.62 -16.81 4.27
N LEU A 468 25.42 -17.96 4.94
CA LEU A 468 25.46 -17.97 6.40
C LEU A 468 26.80 -17.41 6.87
N ASP A 469 27.85 -17.70 6.10
CA ASP A 469 29.20 -17.30 6.46
C ASP A 469 29.42 -15.78 6.49
N LYS A 470 28.56 -15.02 5.82
CA LYS A 470 28.68 -13.56 5.81
C LYS A 470 28.13 -12.92 7.09
N LEU A 471 27.32 -13.65 7.85
CA LEU A 471 26.63 -13.04 8.99
C LEU A 471 27.50 -13.08 10.24
N ARG A 472 28.45 -12.15 10.32
CA ARG A 472 29.41 -12.19 11.40
C ARG A 472 29.70 -10.76 11.83
N PRO A 473 30.06 -10.59 13.11
CA PRO A 473 30.32 -9.26 13.67
C PRO A 473 31.23 -8.38 12.81
N GLU A 474 32.22 -8.98 12.14
CA GLU A 474 33.14 -8.22 11.28
C GLU A 474 32.52 -7.71 9.96
N ASN A 475 31.27 -8.10 9.69
CA ASN A 475 30.60 -7.73 8.47
C ASN A 475 29.43 -6.78 8.71
N VAL A 476 29.27 -6.39 9.97
CA VAL A 476 28.00 -5.82 10.45
C VAL A 476 27.98 -4.30 10.42
N ARG A 477 26.90 -3.75 9.88
CA ARG A 477 26.60 -2.35 10.04
C ARG A 477 25.32 -2.27 10.88
N VAL A 478 25.31 -1.36 11.85
CA VAL A 478 24.21 -1.28 12.76
C VAL A 478 23.73 0.16 12.82
N ALA A 479 22.41 0.34 12.88
CA ALA A 479 21.86 1.69 12.94
C ALA A 479 20.74 1.77 13.97
N ILE A 480 20.87 2.75 14.87
CA ILE A 480 19.86 3.00 15.88
C ILE A 480 19.13 4.29 15.55
N VAL A 481 17.81 4.22 15.54
CA VAL A 481 16.98 5.39 15.32
C VAL A 481 16.15 5.68 16.57
N SER A 482 16.29 6.91 17.08
CA SER A 482 15.69 7.31 18.37
C SER A 482 15.88 8.80 18.57
N LYS A 483 14.90 9.44 19.19
CA LYS A 483 14.95 10.89 19.38
C LYS A 483 15.92 11.25 20.50
N SER A 484 16.37 10.23 21.23
CA SER A 484 17.27 10.45 22.35
C SER A 484 18.65 10.97 21.93
N PHE A 485 18.89 11.05 20.62
CA PHE A 485 20.18 11.52 20.10
C PHE A 485 20.15 12.99 19.71
N GLU A 486 18.94 13.57 19.72
CA GLU A 486 18.71 14.92 19.19
C GLU A 486 19.63 16.01 19.76
N GLY A 487 20.20 16.81 18.87
CA GLY A 487 21.04 17.93 19.27
C GLY A 487 22.51 17.55 19.32
N LYS A 488 22.77 16.25 19.40
CA LYS A 488 24.12 15.71 19.58
C LYS A 488 24.60 14.90 18.37
N THR A 489 24.16 15.28 17.18
CA THR A 489 24.67 14.68 15.96
C THR A 489 25.61 15.65 15.26
N ASP A 490 26.62 15.12 14.59
CA ASP A 490 27.60 15.98 13.91
C ASP A 490 27.21 16.19 12.46
N ARG A 491 26.70 15.14 11.84
CA ARG A 491 26.57 15.08 10.40
C ARG A 491 25.16 15.38 9.92
N THR A 492 25.07 16.02 8.77
CA THR A 492 23.82 16.18 8.07
C THR A 492 23.94 15.43 6.76
N GLU A 493 23.14 14.37 6.58
CA GLU A 493 23.02 13.80 5.26
C GLU A 493 22.51 14.98 4.42
N GLN A 494 23.11 15.20 3.25
CA GLN A 494 22.90 16.48 2.55
C GLN A 494 21.54 16.67 1.84
N TRP A 495 20.94 15.57 1.40
CA TRP A 495 19.72 15.64 0.61
C TRP A 495 18.47 15.80 1.48
N TYR A 496 18.40 15.00 2.55
CA TYR A 496 17.23 15.00 3.42
C TYR A 496 17.41 15.84 4.69
N GLY A 497 18.65 16.02 5.12
CA GLY A 497 18.93 16.86 6.27
C GLY A 497 19.04 16.09 7.58
N THR A 498 18.93 14.76 7.50
CA THR A 498 18.98 13.91 8.68
C THR A 498 20.15 14.21 9.62
N GLN A 499 19.83 14.54 10.87
CA GLN A 499 20.84 14.56 11.91
C GLN A 499 21.35 13.13 12.01
N TYR A 500 22.56 12.93 12.54
CA TYR A 500 23.05 11.59 12.87
C TYR A 500 24.52 11.57 13.24
N LYS A 501 24.90 10.56 14.00
CA LYS A 501 26.29 10.35 14.36
C LYS A 501 26.81 9.11 13.63
N GLN A 502 28.06 9.17 13.18
CA GLN A 502 28.73 8.03 12.59
C GLN A 502 29.93 7.63 13.44
N GLU A 503 29.95 6.39 13.90
CA GLU A 503 31.05 5.95 14.73
C GLU A 503 31.45 4.51 14.39
N ALA A 504 32.55 4.07 14.97
CA ALA A 504 33.04 2.73 14.75
C ALA A 504 32.79 1.89 16.00
N ILE A 505 32.38 0.65 15.80
CA ILE A 505 32.12 -0.25 16.91
C ILE A 505 33.43 -0.75 17.50
N PRO A 506 33.73 -0.32 18.74
CA PRO A 506 34.92 -0.79 19.46
C PRO A 506 35.19 -2.30 19.29
N GLU A 507 36.47 -2.68 19.28
CA GLU A 507 36.93 -4.06 19.06
C GLU A 507 36.33 -5.09 20.00
N ASP A 508 36.28 -4.73 21.27
CA ASP A 508 35.78 -5.60 22.33
C ASP A 508 34.33 -5.95 22.10
N VAL A 509 33.54 -4.96 21.72
CA VAL A 509 32.15 -5.18 21.38
C VAL A 509 32.12 -6.24 20.29
N ILE A 510 32.80 -5.92 19.19
CA ILE A 510 32.90 -6.86 18.08
C ILE A 510 33.35 -8.19 18.63
N GLN A 511 34.30 -8.12 19.56
CA GLN A 511 34.85 -9.31 20.19
C GLN A 511 33.82 -10.07 21.00
N LYS A 512 32.96 -9.33 21.70
CA LYS A 512 31.91 -9.94 22.51
C LYS A 512 30.97 -10.73 21.61
N TRP A 513 30.60 -10.13 20.49
CA TRP A 513 29.68 -10.74 19.54
C TRP A 513 30.27 -11.99 18.90
N GLN A 514 31.56 -11.95 18.59
CA GLN A 514 32.24 -13.15 18.13
C GLN A 514 32.23 -14.19 19.24
N ASN A 515 32.41 -13.72 20.47
CA ASN A 515 32.26 -14.60 21.63
C ASN A 515 30.80 -14.99 21.84
N ALA A 516 30.04 -14.99 20.76
CA ALA A 516 28.66 -15.45 20.78
C ALA A 516 28.63 -16.96 20.74
N ASP A 517 28.38 -17.56 21.89
CA ASP A 517 28.31 -19.01 22.04
C ASP A 517 26.97 -19.58 21.55
N LEU A 518 26.26 -20.27 22.43
CA LEU A 518 24.93 -20.75 22.12
C LEU A 518 23.96 -20.66 23.32
N ASN A 519 22.90 -19.88 23.11
CA ASN A 519 21.80 -19.73 24.07
C ASN A 519 20.81 -20.89 23.96
N GLY A 520 20.63 -21.63 25.05
CA GLY A 520 19.86 -22.86 25.03
C GLY A 520 18.49 -22.68 24.42
N LYS A 521 17.84 -21.57 24.75
CA LYS A 521 16.45 -21.33 24.35
C LYS A 521 16.15 -21.40 22.85
N PHE A 522 17.05 -20.87 22.01
CA PHE A 522 16.81 -20.83 20.57
C PHE A 522 16.61 -22.19 19.93
N LYS A 523 15.36 -22.65 19.86
CA LYS A 523 15.05 -23.91 19.21
C LYS A 523 14.63 -23.61 17.78
N LEU A 524 14.65 -24.64 16.93
CA LEU A 524 14.21 -24.49 15.55
C LEU A 524 12.70 -24.52 15.48
N PRO A 525 12.12 -24.08 14.37
CA PRO A 525 10.67 -24.29 14.24
C PRO A 525 10.41 -25.77 14.08
N THR A 526 9.24 -26.21 14.52
CA THR A 526 8.85 -27.60 14.39
C THR A 526 7.98 -27.76 13.16
N LYS A 527 7.71 -29.00 12.78
CA LYS A 527 6.82 -29.29 11.66
C LYS A 527 5.62 -28.35 11.70
N ASN A 528 5.12 -27.96 10.53
CA ASN A 528 3.99 -27.03 10.45
C ASN A 528 2.66 -27.76 10.34
N GLU A 529 1.89 -27.69 11.42
CA GLU A 529 0.62 -28.41 11.53
C GLU A 529 -0.47 -27.79 10.68
N PHE A 530 -0.34 -26.51 10.36
CA PHE A 530 -1.39 -25.82 9.61
C PHE A 530 -1.36 -26.07 8.11
N ILE A 531 -0.23 -26.53 7.60
CA ILE A 531 -0.12 -26.87 6.19
C ILE A 531 -1.35 -27.69 5.79
N PRO A 532 -2.13 -27.16 4.84
CA PRO A 532 -3.42 -27.75 4.49
C PRO A 532 -3.20 -28.96 3.61
N THR A 533 -4.17 -29.87 3.56
CA THR A 533 -4.05 -31.06 2.74
C THR A 533 -5.37 -31.36 2.05
N ASN A 534 -6.41 -30.65 2.46
CA ASN A 534 -7.68 -30.73 1.77
C ASN A 534 -7.96 -29.48 0.96
N PHE A 535 -7.89 -29.65 -0.35
CA PHE A 535 -8.12 -28.58 -1.28
C PHE A 535 -9.33 -28.93 -2.12
N GLU A 536 -10.13 -29.85 -1.64
CA GLU A 536 -11.35 -30.20 -2.35
C GLU A 536 -12.26 -28.98 -2.44
N ILE A 537 -12.72 -28.70 -3.65
CA ILE A 537 -13.69 -27.66 -3.91
C ILE A 537 -15.07 -28.30 -3.87
N LEU A 538 -15.83 -27.97 -2.83
CA LEU A 538 -17.18 -28.50 -2.67
C LEU A 538 -18.07 -28.07 -3.82
N ALA A 539 -18.95 -28.98 -4.23
CA ALA A 539 -19.88 -28.72 -5.31
C ALA A 539 -20.78 -27.55 -4.94
N LEU A 540 -21.29 -26.90 -5.97
CA LEU A 540 -22.16 -25.75 -5.81
C LEU A 540 -23.54 -26.20 -5.41
N GLU A 541 -23.93 -26.00 -4.14
CA GLU A 541 -25.27 -26.38 -3.67
C GLU A 541 -26.34 -25.81 -4.62
N LYS A 542 -27.37 -26.58 -4.91
CA LYS A 542 -28.33 -26.15 -5.93
C LYS A 542 -29.20 -24.98 -5.45
N ASP A 543 -29.12 -24.72 -4.16
CA ASP A 543 -29.84 -23.61 -3.55
C ASP A 543 -28.94 -22.36 -3.49
N ALA A 544 -27.76 -22.47 -4.08
CA ALA A 544 -26.83 -21.35 -4.08
C ALA A 544 -27.48 -20.11 -4.67
N THR A 545 -26.89 -18.96 -4.35
CA THR A 545 -27.42 -17.65 -4.74
C THR A 545 -26.28 -16.73 -5.22
N PRO A 546 -26.60 -15.78 -6.10
CA PRO A 546 -25.60 -14.85 -6.62
C PRO A 546 -25.08 -13.77 -5.62
N TYR A 547 -25.85 -13.46 -4.58
CA TYR A 547 -25.40 -12.51 -3.57
C TYR A 547 -25.49 -13.13 -2.20
N PRO A 548 -24.81 -12.54 -1.20
CA PRO A 548 -24.90 -13.16 0.12
C PRO A 548 -26.36 -13.24 0.56
N ALA A 549 -26.74 -14.34 1.15
CA ALA A 549 -28.09 -14.47 1.62
C ALA A 549 -28.09 -14.49 3.13
N LEU A 550 -29.14 -13.96 3.72
CA LEU A 550 -29.29 -13.96 5.15
C LEU A 550 -29.82 -15.34 5.55
N ILE A 551 -28.98 -16.17 6.17
CA ILE A 551 -29.42 -17.52 6.52
C ILE A 551 -29.63 -17.67 8.03
N LYS A 552 -29.48 -16.59 8.77
CA LYS A 552 -29.65 -16.71 10.21
C LYS A 552 -29.83 -15.34 10.82
N ASP A 553 -31.04 -15.05 11.29
CA ASP A 553 -31.40 -13.74 11.86
C ASP A 553 -31.96 -14.00 13.24
N THR A 554 -31.11 -13.89 14.25
CA THR A 554 -31.50 -14.17 15.61
C THR A 554 -30.93 -13.09 16.49
N ALA A 555 -31.38 -13.05 17.74
CA ALA A 555 -31.00 -11.99 18.66
C ALA A 555 -29.50 -11.95 18.92
N MET A 556 -28.85 -13.11 18.83
CA MET A 556 -27.42 -13.19 19.08
C MET A 556 -26.58 -12.98 17.83
N SER A 557 -27.09 -13.39 16.67
CA SER A 557 -26.29 -13.33 15.47
C SER A 557 -27.07 -13.20 14.17
N LYS A 558 -26.44 -12.53 13.23
CA LYS A 558 -26.99 -12.31 11.92
C LYS A 558 -25.90 -12.78 10.97
N LEU A 559 -26.23 -13.74 10.11
CA LEU A 559 -25.24 -14.44 9.32
C LEU A 559 -25.54 -14.34 7.84
N TRP A 560 -24.60 -13.74 7.12
CA TRP A 560 -24.71 -13.67 5.68
C TRP A 560 -23.78 -14.71 5.07
N PHE A 561 -24.23 -15.37 4.00
CA PHE A 561 -23.48 -16.49 3.47
C PHE A 561 -23.61 -16.59 1.99
N LYS A 562 -22.48 -16.81 1.33
CA LYS A 562 -22.49 -17.06 -0.08
C LYS A 562 -21.50 -18.15 -0.40
N GLN A 563 -21.88 -19.09 -1.25
CA GLN A 563 -20.93 -20.07 -1.72
C GLN A 563 -20.27 -19.55 -2.98
N ASP A 564 -18.96 -19.72 -3.11
CA ASP A 564 -18.25 -19.20 -4.28
C ASP A 564 -18.76 -19.82 -5.59
N ASP A 565 -19.07 -18.98 -6.56
CA ASP A 565 -19.60 -19.47 -7.81
C ASP A 565 -18.76 -18.99 -8.97
N LYS A 566 -17.53 -18.57 -8.70
CA LYS A 566 -16.71 -18.10 -9.81
C LYS A 566 -15.21 -18.39 -9.76
N PHE A 567 -14.57 -18.26 -8.59
CA PHE A 567 -13.11 -18.42 -8.52
C PHE A 567 -12.69 -19.89 -8.34
N PHE A 568 -13.49 -20.65 -7.62
CA PHE A 568 -13.20 -22.05 -7.32
C PHE A 568 -11.76 -22.24 -6.85
N LEU A 569 -11.38 -21.58 -5.78
CA LEU A 569 -10.14 -21.90 -5.09
C LEU A 569 -10.56 -22.41 -3.73
N PRO A 570 -9.73 -23.26 -3.11
CA PRO A 570 -10.04 -23.79 -1.78
C PRO A 570 -9.73 -22.72 -0.72
N LYS A 571 -10.48 -21.62 -0.77
CA LYS A 571 -10.27 -20.51 0.13
C LYS A 571 -11.61 -20.00 0.62
N ALA A 572 -11.60 -19.47 1.85
CA ALA A 572 -12.79 -18.90 2.45
C ALA A 572 -12.46 -17.60 3.22
N CYS A 573 -13.40 -16.65 3.16
CA CYS A 573 -13.33 -15.41 3.94
C CYS A 573 -14.38 -15.44 5.04
N LEU A 574 -13.93 -15.31 6.27
CA LEU A 574 -14.81 -15.23 7.41
C LEU A 574 -14.78 -13.82 8.03
N ASN A 575 -15.94 -13.16 8.11
CA ASN A 575 -15.99 -11.83 8.71
C ASN A 575 -17.04 -11.74 9.81
N PHE A 576 -16.62 -11.24 10.96
CA PHE A 576 -17.48 -11.13 12.13
C PHE A 576 -17.38 -9.70 12.66
N GLU A 577 -18.53 -9.09 12.88
CA GLU A 577 -18.57 -7.79 13.55
C GLU A 577 -19.25 -8.01 14.89
N PHE A 578 -18.50 -7.87 15.99
CA PHE A 578 -19.07 -8.01 17.33
C PHE A 578 -19.55 -6.62 17.83
N PHE A 579 -20.83 -6.50 18.17
CA PHE A 579 -21.34 -5.21 18.62
C PHE A 579 -21.50 -5.21 20.12
N SER A 580 -20.97 -4.19 20.75
CA SER A 580 -21.19 -3.94 22.17
C SER A 580 -21.03 -2.45 22.43
N PRO A 581 -21.93 -1.85 23.24
CA PRO A 581 -21.82 -0.41 23.46
C PRO A 581 -20.60 -0.07 24.28
N PHE A 582 -20.06 -1.06 24.98
CA PHE A 582 -18.95 -0.79 25.91
C PHE A 582 -17.63 -0.57 25.18
N ALA A 583 -17.64 -0.72 23.85
CA ALA A 583 -16.39 -0.59 23.12
C ALA A 583 -15.97 0.86 22.89
N TYR A 584 -16.95 1.76 22.81
CA TYR A 584 -16.70 3.15 22.38
C TYR A 584 -17.52 4.16 23.19
N VAL A 585 -17.92 3.74 24.38
CA VAL A 585 -18.87 4.45 25.20
C VAL A 585 -18.26 5.73 25.74
N ASP A 586 -16.96 5.68 26.02
CA ASP A 586 -16.17 6.88 26.27
C ASP A 586 -14.72 6.64 25.83
N PRO A 587 -13.87 7.64 26.01
CA PRO A 587 -12.46 7.45 25.67
C PRO A 587 -11.73 6.36 26.47
N LEU A 588 -12.08 6.18 27.73
CA LEU A 588 -11.43 5.17 28.56
C LEU A 588 -11.68 3.76 28.06
N HIS A 589 -12.91 3.51 27.62
CA HIS A 589 -13.27 2.18 27.12
C HIS A 589 -12.79 1.96 25.69
N CYS A 590 -12.75 3.03 24.91
CA CYS A 590 -12.09 2.95 23.61
C CYS A 590 -10.65 2.45 23.84
N ASN A 591 -9.90 3.15 24.67
CA ASN A 591 -8.56 2.73 25.01
C ASN A 591 -8.51 1.26 25.47
N MET A 592 -9.43 0.86 26.33
CA MET A 592 -9.41 -0.48 26.88
C MET A 592 -9.74 -1.53 25.82
N ALA A 593 -10.62 -1.16 24.88
CA ALA A 593 -10.99 -2.04 23.79
C ALA A 593 -9.77 -2.24 22.91
N TYR A 594 -9.10 -1.15 22.58
CA TYR A 594 -7.88 -1.22 21.82
C TYR A 594 -6.80 -2.09 22.49
N LEU A 595 -6.41 -1.74 23.70
CA LEU A 595 -5.39 -2.51 24.42
C LEU A 595 -5.73 -4.00 24.52
N TYR A 596 -6.99 -4.29 24.82
CA TYR A 596 -7.48 -5.67 24.92
C TYR A 596 -7.08 -6.48 23.68
N LEU A 597 -7.60 -6.09 22.51
CA LEU A 597 -7.22 -6.76 21.27
C LEU A 597 -5.69 -6.74 21.03
N GLU A 598 -5.01 -5.63 21.30
CA GLU A 598 -3.57 -5.63 21.07
C GLU A 598 -2.88 -6.72 21.90
N LEU A 599 -3.38 -6.90 23.13
CA LEU A 599 -2.86 -7.86 24.09
C LEU A 599 -3.20 -9.27 23.66
N LEU A 600 -4.40 -9.42 23.11
CA LEU A 600 -4.87 -10.71 22.65
C LEU A 600 -4.04 -11.15 21.45
N LYS A 601 -3.92 -10.28 20.45
CA LYS A 601 -3.11 -10.58 19.27
C LYS A 601 -1.66 -10.84 19.66
N ASP A 602 -1.15 -10.02 20.57
CA ASP A 602 0.21 -10.18 21.09
C ASP A 602 0.48 -11.58 21.61
N SER A 603 -0.48 -12.17 22.30
CA SER A 603 -0.24 -13.48 22.90
C SER A 603 -0.64 -14.64 21.98
N LEU A 604 -1.34 -14.32 20.89
CA LEU A 604 -1.68 -15.33 19.89
C LEU A 604 -0.60 -15.46 18.80
N ASN A 605 0.26 -14.47 18.69
CA ASN A 605 1.19 -14.38 17.57
C ASN A 605 2.01 -15.66 17.32
N GLU A 606 2.82 -16.05 18.29
CA GLU A 606 3.59 -17.29 18.19
C GLU A 606 2.78 -18.40 17.52
N TYR A 607 1.59 -18.62 18.05
CA TYR A 607 0.72 -19.67 17.55
C TYR A 607 0.24 -19.42 16.11
N ALA A 608 0.04 -18.14 15.80
CA ALA A 608 -0.60 -17.74 14.55
C ALA A 608 0.36 -17.75 13.36
N TYR A 609 1.63 -17.45 13.62
CA TYR A 609 2.63 -17.36 12.53
C TYR A 609 2.64 -18.58 11.63
N ALA A 610 2.62 -19.76 12.24
CA ALA A 610 2.56 -20.99 11.47
C ALA A 610 1.44 -20.92 10.46
N ALA A 611 0.29 -20.42 10.91
CA ALA A 611 -0.89 -20.35 10.07
C ALA A 611 -0.62 -19.44 8.89
N GLU A 612 0.07 -18.35 9.18
CA GLU A 612 0.28 -17.29 8.21
C GLU A 612 1.16 -17.82 7.10
N LEU A 613 2.30 -18.40 7.48
CA LEU A 613 3.16 -19.11 6.53
C LEU A 613 2.34 -20.10 5.75
N ALA A 614 1.35 -20.68 6.40
CA ALA A 614 0.53 -21.70 5.77
C ALA A 614 -0.62 -21.09 4.96
N GLY A 615 -0.50 -19.80 4.64
CA GLY A 615 -1.54 -19.13 3.88
C GLY A 615 -2.87 -19.01 4.61
N LEU A 616 -2.81 -18.69 5.90
CA LEU A 616 -4.02 -18.51 6.69
C LEU A 616 -3.84 -17.39 7.70
N SER A 617 -4.55 -16.30 7.48
CA SER A 617 -4.34 -15.10 8.26
C SER A 617 -5.59 -14.60 8.95
N TYR A 618 -5.39 -13.79 9.97
CA TYR A 618 -6.51 -13.21 10.65
C TYR A 618 -6.20 -11.79 11.03
N ASP A 619 -7.26 -11.02 11.22
CA ASP A 619 -7.13 -9.63 11.61
C ASP A 619 -8.07 -9.46 12.77
N LEU A 620 -7.72 -8.61 13.72
CA LEU A 620 -8.61 -8.37 14.82
C LEU A 620 -8.44 -6.93 15.31
N GLN A 621 -9.47 -6.09 15.14
CA GLN A 621 -9.37 -4.74 15.67
C GLN A 621 -10.66 -4.16 16.22
N ASN A 622 -10.53 -3.21 17.14
CA ASN A 622 -11.67 -2.53 17.69
C ASN A 622 -12.27 -1.54 16.70
N THR A 623 -13.52 -1.18 16.92
CA THR A 623 -14.21 -0.19 16.10
C THR A 623 -15.09 0.63 17.01
N ILE A 624 -15.77 1.63 16.47
CA ILE A 624 -16.68 2.46 17.27
C ILE A 624 -17.93 1.68 17.67
N TYR A 625 -18.04 0.46 17.19
CA TYR A 625 -19.20 -0.36 17.51
C TYR A 625 -18.83 -1.63 18.29
N GLY A 626 -17.54 -1.96 18.35
CA GLY A 626 -17.10 -3.17 19.04
C GLY A 626 -15.76 -3.68 18.58
N MET A 627 -15.76 -4.83 17.91
CA MET A 627 -14.54 -5.46 17.44
C MET A 627 -14.77 -6.14 16.10
N TYR A 628 -13.73 -6.19 15.28
CA TYR A 628 -13.80 -6.82 13.97
C TYR A 628 -12.82 -7.98 13.86
N LEU A 629 -13.34 -9.19 13.66
CA LEU A 629 -12.48 -10.36 13.47
C LEU A 629 -12.62 -10.91 12.06
N SER A 630 -11.52 -10.98 11.33
CA SER A 630 -11.52 -11.53 9.99
C SER A 630 -10.46 -12.63 9.86
N VAL A 631 -10.82 -13.68 9.14
CA VAL A 631 -9.94 -14.79 8.86
C VAL A 631 -9.99 -15.07 7.37
N LYS A 632 -8.86 -15.03 6.69
CA LYS A 632 -8.82 -15.36 5.26
C LYS A 632 -7.78 -16.43 4.92
N GLY A 633 -8.00 -17.16 3.83
CA GLY A 633 -7.01 -18.11 3.37
C GLY A 633 -7.60 -19.48 3.12
N TYR A 634 -6.74 -20.46 2.85
CA TYR A 634 -7.16 -21.85 2.73
C TYR A 634 -8.25 -22.19 3.76
N ASN A 635 -9.38 -22.70 3.30
CA ASN A 635 -10.49 -22.96 4.21
C ASN A 635 -10.29 -24.18 5.12
N ASP A 636 -9.38 -25.06 4.74
CA ASP A 636 -9.24 -26.37 5.38
C ASP A 636 -9.10 -26.33 6.90
N LYS A 637 -8.10 -25.62 7.39
CA LYS A 637 -7.89 -25.50 8.83
C LYS A 637 -8.40 -24.18 9.45
N GLN A 638 -9.22 -23.45 8.71
CA GLN A 638 -9.78 -22.21 9.27
C GLN A 638 -10.41 -22.49 10.64
N PRO A 639 -11.27 -23.51 10.72
CA PRO A 639 -12.02 -23.80 11.95
C PRO A 639 -11.16 -24.03 13.20
N ILE A 640 -9.91 -24.43 13.04
CA ILE A 640 -9.01 -24.65 14.17
C ILE A 640 -8.40 -23.34 14.65
N LEU A 641 -8.06 -22.48 13.72
CA LEU A 641 -7.56 -21.16 14.08
C LEU A 641 -8.68 -20.35 14.73
N LEU A 642 -9.84 -20.32 14.09
CA LEU A 642 -10.98 -19.56 14.62
C LEU A 642 -11.30 -20.00 16.05
N LYS A 643 -11.31 -21.31 16.29
CA LYS A 643 -11.55 -21.84 17.62
C LYS A 643 -10.55 -21.33 18.67
N LYS A 644 -9.25 -21.35 18.35
CA LYS A 644 -8.22 -20.83 19.24
C LYS A 644 -8.37 -19.33 19.53
N ILE A 645 -8.61 -18.54 18.49
CA ILE A 645 -8.81 -17.10 18.68
C ILE A 645 -10.00 -16.88 19.59
N THR A 646 -11.13 -17.48 19.27
CA THR A 646 -12.34 -17.22 20.02
C THR A 646 -12.20 -17.68 21.49
N GLU A 647 -11.72 -18.90 21.69
CA GLU A 647 -11.38 -19.37 23.02
C GLU A 647 -10.53 -18.38 23.82
N LYS A 648 -9.47 -17.91 23.23
CA LYS A 648 -8.54 -17.04 23.93
C LYS A 648 -9.24 -15.71 24.22
N MET A 649 -10.15 -15.33 23.32
CA MET A 649 -10.87 -14.09 23.47
C MET A 649 -11.67 -14.17 24.76
N ALA A 650 -12.31 -15.32 24.94
CA ALA A 650 -13.27 -15.52 26.01
C ALA A 650 -12.67 -15.99 27.33
N THR A 651 -11.33 -16.11 27.40
CA THR A 651 -10.70 -16.67 28.60
C THR A 651 -9.36 -16.01 28.85
N PHE A 652 -9.12 -14.92 28.14
CA PHE A 652 -7.84 -14.25 28.15
C PHE A 652 -7.38 -13.89 29.56
N GLU A 653 -6.07 -14.02 29.80
CA GLU A 653 -5.44 -13.60 31.06
C GLU A 653 -4.18 -12.79 30.78
N ILE A 654 -4.13 -11.59 31.34
CA ILE A 654 -3.12 -10.59 31.01
C ILE A 654 -1.82 -10.72 31.80
N ASP A 655 -0.73 -11.02 31.10
CA ASP A 655 0.59 -10.93 31.70
C ASP A 655 0.83 -9.50 32.13
N LYS A 656 1.18 -9.30 33.39
CA LYS A 656 1.46 -7.96 33.87
C LYS A 656 2.43 -7.22 32.93
N LYS A 657 3.56 -7.86 32.63
CA LYS A 657 4.63 -7.20 31.90
C LYS A 657 4.27 -6.86 30.46
N ARG A 658 3.61 -7.78 29.76
CA ARG A 658 3.16 -7.48 28.40
C ARG A 658 2.29 -6.24 28.41
N PHE A 659 1.52 -6.08 29.48
CA PHE A 659 0.59 -4.97 29.63
C PHE A 659 1.28 -3.62 29.59
N GLU A 660 2.35 -3.43 30.35
CA GLU A 660 2.95 -2.10 30.36
C GLU A 660 3.61 -1.74 29.05
N ILE A 661 4.20 -2.75 28.42
CA ILE A 661 4.84 -2.52 27.13
C ILE A 661 3.81 -2.10 26.07
N ILE A 662 2.75 -2.89 25.93
CA ILE A 662 1.73 -2.58 24.95
C ILE A 662 1.17 -1.18 25.20
N LYS A 663 0.96 -0.86 26.47
CA LYS A 663 0.43 0.46 26.81
C LYS A 663 1.40 1.59 26.48
N GLU A 664 2.68 1.38 26.76
CA GLU A 664 3.67 2.43 26.52
C GLU A 664 3.81 2.64 25.03
N ALA A 665 3.69 1.56 24.30
CA ALA A 665 3.77 1.60 22.85
C ALA A 665 2.55 2.33 22.31
N TYR A 666 1.38 1.95 22.80
CA TYR A 666 0.14 2.56 22.39
C TYR A 666 0.24 4.05 22.70
N MET A 667 0.74 4.36 23.89
CA MET A 667 0.90 5.74 24.33
C MET A 667 1.75 6.51 23.35
N ARG A 668 2.93 5.98 23.08
CA ARG A 668 3.87 6.61 22.18
C ARG A 668 3.24 6.79 20.79
N SER A 669 2.38 5.84 20.44
CA SER A 669 1.79 5.83 19.11
C SER A 669 0.80 6.98 18.93
N LEU A 670 0.05 7.30 19.98
CA LEU A 670 -0.88 8.42 19.96
C LEU A 670 -0.12 9.73 19.82
N ASN A 671 0.94 9.90 20.62
CA ASN A 671 1.79 11.05 20.44
C ASN A 671 2.32 11.16 19.02
N ASN A 672 2.66 10.01 18.44
CA ASN A 672 3.29 9.98 17.13
C ASN A 672 2.40 10.47 16.00
N PHE A 673 1.12 10.69 16.28
CA PHE A 673 0.23 11.09 15.21
C PHE A 673 0.62 12.46 14.72
N ARG A 674 1.18 13.26 15.63
CA ARG A 674 1.62 14.63 15.33
C ARG A 674 2.62 14.64 14.19
N ALA A 675 3.31 13.53 13.99
CA ALA A 675 4.36 13.45 12.99
C ALA A 675 3.83 13.13 11.59
N GLU A 676 2.55 12.79 11.48
CA GLU A 676 1.96 12.37 10.21
C GLU A 676 1.88 13.48 9.16
N GLN A 677 1.74 13.09 7.90
CA GLN A 677 1.60 14.07 6.81
C GLN A 677 0.47 15.05 7.10
N PRO A 678 0.62 16.31 6.66
CA PRO A 678 -0.45 17.31 6.83
C PRO A 678 -1.76 16.86 6.20
N HIS A 679 -1.73 16.25 5.01
CA HIS A 679 -2.96 15.79 4.39
C HIS A 679 -3.61 14.69 5.24
N GLN A 680 -2.80 13.81 5.83
CA GLN A 680 -3.32 12.78 6.71
C GLN A 680 -4.04 13.37 7.94
N HIS A 681 -3.54 14.50 8.43
CA HIS A 681 -4.21 15.20 9.52
C HIS A 681 -5.57 15.77 9.07
N ALA A 682 -5.59 16.39 7.90
CA ALA A 682 -6.79 16.97 7.36
C ALA A 682 -7.90 15.93 7.32
N MET A 683 -7.61 14.77 6.73
CA MET A 683 -8.57 13.69 6.68
C MET A 683 -9.02 13.23 8.05
N TYR A 684 -8.09 13.09 8.99
CA TYR A 684 -8.46 12.67 10.33
C TYR A 684 -9.47 13.63 10.96
N TYR A 685 -9.21 14.94 10.87
CA TYR A 685 -10.10 15.91 11.49
C TYR A 685 -11.46 16.01 10.80
N LEU A 686 -11.50 15.76 9.50
CA LEU A 686 -12.79 15.86 8.82
C LEU A 686 -13.69 14.77 9.31
N ARG A 687 -13.14 13.56 9.46
CA ARG A 687 -13.85 12.40 9.99
C ARG A 687 -14.42 12.60 11.39
N LEU A 688 -13.64 13.22 12.28
CA LEU A 688 -14.10 13.56 13.62
C LEU A 688 -15.22 14.58 13.59
N LEU A 689 -15.01 15.62 12.78
CA LEU A 689 -15.95 16.73 12.64
C LEU A 689 -17.33 16.25 12.24
N MET A 690 -17.38 15.33 11.28
CA MET A 690 -18.63 14.97 10.61
C MET A 690 -19.36 13.81 11.26
N THR A 691 -18.87 13.32 12.39
CA THR A 691 -19.49 12.17 12.99
C THR A 691 -20.06 12.63 14.30
N GLU A 692 -21.32 12.28 14.53
CA GLU A 692 -22.01 12.57 15.79
C GLU A 692 -21.16 12.28 17.04
N VAL A 693 -20.42 11.17 17.05
CA VAL A 693 -19.54 10.85 18.17
C VAL A 693 -18.23 10.29 17.65
N ALA A 694 -17.12 10.88 18.10
CA ALA A 694 -15.79 10.43 17.74
C ALA A 694 -14.79 10.98 18.75
N TRP A 695 -14.02 10.09 19.36
CA TRP A 695 -13.03 10.52 20.34
C TRP A 695 -11.64 10.79 19.71
N THR A 696 -11.22 12.07 19.73
CA THR A 696 -9.90 12.49 19.26
C THR A 696 -8.72 11.83 20.01
N LYS A 697 -7.56 11.75 19.33
CA LYS A 697 -6.35 11.20 19.93
C LYS A 697 -5.94 11.95 21.20
N ASP A 698 -6.11 13.27 21.20
CA ASP A 698 -5.97 14.05 22.44
C ASP A 698 -6.75 13.38 23.57
N GLU A 699 -8.06 13.27 23.38
CA GLU A 699 -8.93 12.69 24.40
C GLU A 699 -8.45 11.29 24.82
N LEU A 700 -7.97 10.49 23.87
CA LEU A 700 -7.52 9.14 24.20
C LEU A 700 -6.25 9.15 25.05
N LYS A 701 -5.34 10.07 24.73
CA LYS A 701 -4.08 10.17 25.45
C LYS A 701 -4.35 10.46 26.90
N GLU A 702 -5.14 11.53 27.12
CA GLU A 702 -5.52 11.98 28.44
C GLU A 702 -6.15 10.85 29.25
N ALA A 703 -6.93 10.02 28.58
CA ALA A 703 -7.69 8.98 29.27
C ALA A 703 -6.90 7.71 29.46
N LEU A 704 -5.74 7.64 28.81
CA LEU A 704 -4.96 6.43 28.81
C LEU A 704 -4.35 6.23 30.18
N ASP A 705 -3.92 7.31 30.81
CA ASP A 705 -3.29 7.20 32.12
C ASP A 705 -4.21 6.68 33.23
N ASP A 706 -5.52 6.61 32.95
CA ASP A 706 -6.46 6.03 33.91
C ASP A 706 -6.64 4.53 33.69
N VAL A 707 -5.84 3.94 32.81
CA VAL A 707 -5.98 2.52 32.55
C VAL A 707 -4.97 1.73 33.39
N THR A 708 -5.47 0.91 34.30
CA THR A 708 -4.60 0.05 35.10
C THR A 708 -4.87 -1.38 34.74
N LEU A 709 -4.05 -2.29 35.25
CA LEU A 709 -4.27 -3.70 34.98
C LEU A 709 -5.61 -4.20 35.57
N PRO A 710 -5.90 -3.86 36.84
CA PRO A 710 -7.16 -4.36 37.43
C PRO A 710 -8.36 -3.86 36.65
N ARG A 711 -8.35 -2.57 36.33
CA ARG A 711 -9.43 -1.96 35.56
C ARG A 711 -9.68 -2.75 34.27
N LEU A 712 -8.60 -3.03 33.55
CA LEU A 712 -8.69 -3.73 32.26
C LEU A 712 -9.20 -5.15 32.44
N LYS A 713 -8.73 -5.83 33.48
CA LYS A 713 -9.15 -7.19 33.74
C LYS A 713 -10.65 -7.21 33.92
N ALA A 714 -11.17 -6.16 34.53
CA ALA A 714 -12.60 -6.12 34.84
C ALA A 714 -13.40 -5.84 33.56
N PHE A 715 -12.83 -5.03 32.68
CA PHE A 715 -13.51 -4.53 31.50
C PHE A 715 -13.79 -5.63 30.48
N ILE A 716 -12.92 -6.63 30.44
CA ILE A 716 -13.07 -7.72 29.48
C ILE A 716 -14.40 -8.47 29.65
N PRO A 717 -14.66 -9.04 30.84
CA PRO A 717 -15.94 -9.72 31.04
C PRO A 717 -17.13 -8.82 30.71
N GLN A 718 -17.03 -7.53 31.01
CA GLN A 718 -18.11 -6.60 30.69
C GLN A 718 -18.35 -6.56 29.21
N LEU A 719 -17.29 -6.27 28.48
CA LEU A 719 -17.32 -6.20 27.02
C LEU A 719 -17.93 -7.49 26.44
N LEU A 720 -17.50 -8.63 26.96
CA LEU A 720 -17.97 -9.91 26.46
C LEU A 720 -19.35 -10.27 27.04
N SER A 721 -19.80 -9.50 28.04
CA SER A 721 -21.04 -9.84 28.76
C SER A 721 -22.27 -9.98 27.87
N ARG A 722 -22.47 -9.00 27.00
CA ARG A 722 -23.61 -9.01 26.09
C ARG A 722 -23.11 -8.54 24.74
N LEU A 723 -23.54 -9.23 23.68
CA LEU A 723 -22.99 -9.03 22.36
C LEU A 723 -23.99 -9.33 21.26
N HIS A 724 -23.86 -8.64 20.14
CA HIS A 724 -24.52 -9.04 18.91
C HIS A 724 -23.45 -9.27 17.84
N ILE A 725 -23.66 -10.26 16.99
CA ILE A 725 -22.68 -10.57 15.99
C ILE A 725 -23.31 -10.56 14.59
N GLU A 726 -22.69 -9.82 13.67
CA GLU A 726 -23.12 -9.83 12.28
C GLU A 726 -21.96 -10.36 11.42
N ALA A 727 -22.23 -11.42 10.65
CA ALA A 727 -21.19 -12.17 9.93
C ALA A 727 -21.38 -12.31 8.43
N LEU A 728 -20.26 -12.26 7.70
CA LEU A 728 -20.23 -12.70 6.31
C LEU A 728 -19.24 -13.87 6.17
N LEU A 729 -19.74 -14.99 5.64
CA LEU A 729 -18.94 -16.19 5.43
C LEU A 729 -19.09 -16.52 3.97
N HIS A 730 -17.96 -16.65 3.28
CA HIS A 730 -17.95 -16.51 1.85
C HIS A 730 -16.78 -17.24 1.25
N GLY A 731 -17.05 -18.04 0.23
CA GLY A 731 -15.98 -18.79 -0.40
C GLY A 731 -16.31 -20.26 -0.58
N ASN A 732 -15.34 -21.11 -0.30
CA ASN A 732 -15.50 -22.54 -0.51
C ASN A 732 -16.00 -23.21 0.75
N ILE A 733 -17.25 -22.93 1.10
CA ILE A 733 -17.93 -23.49 2.27
C ILE A 733 -19.41 -23.70 1.94
N THR A 734 -20.01 -24.70 2.56
CA THR A 734 -21.43 -24.96 2.37
C THR A 734 -22.23 -24.26 3.44
N LYS A 735 -23.53 -24.09 3.17
CA LYS A 735 -24.45 -23.50 4.11
C LYS A 735 -24.29 -24.15 5.46
N GLN A 736 -24.21 -25.47 5.44
CA GLN A 736 -24.05 -26.25 6.66
C GLN A 736 -22.77 -25.91 7.40
N ALA A 737 -21.69 -25.75 6.65
CA ALA A 737 -20.38 -25.38 7.21
C ALA A 737 -20.32 -23.93 7.75
N ALA A 738 -21.06 -23.02 7.12
CA ALA A 738 -21.14 -21.64 7.58
C ALA A 738 -21.83 -21.57 8.93
N LEU A 739 -23.04 -22.14 9.00
CA LEU A 739 -23.77 -22.18 10.26
C LEU A 739 -23.00 -22.87 11.37
N GLY A 740 -22.30 -23.93 10.99
CA GLY A 740 -21.45 -24.66 11.91
C GLY A 740 -20.33 -23.80 12.43
N VAL A 741 -19.71 -23.03 11.54
CA VAL A 741 -18.64 -22.14 11.95
C VAL A 741 -19.17 -21.02 12.84
N MET A 742 -20.38 -20.57 12.54
CA MET A 742 -21.03 -19.49 13.26
C MET A 742 -21.45 -19.95 14.67
N GLN A 743 -21.95 -21.17 14.76
CA GLN A 743 -22.32 -21.72 16.06
C GLN A 743 -21.15 -21.79 17.02
N MET A 744 -19.98 -22.19 16.51
CA MET A 744 -18.84 -22.43 17.37
C MET A 744 -18.32 -21.14 17.99
N VAL A 745 -18.43 -20.05 17.24
CA VAL A 745 -18.13 -18.74 17.79
C VAL A 745 -19.11 -18.40 18.92
N GLU A 746 -20.40 -18.55 18.66
CA GLU A 746 -21.42 -18.26 19.66
C GLU A 746 -21.21 -19.12 20.89
N ASP A 747 -21.29 -20.41 20.66
CA ASP A 747 -21.19 -21.38 21.74
C ASP A 747 -19.94 -21.23 22.58
N THR A 748 -18.82 -20.87 21.96
CA THR A 748 -17.57 -20.68 22.67
C THR A 748 -17.60 -19.45 23.58
N LEU A 749 -18.28 -18.41 23.10
CA LEU A 749 -18.51 -17.22 23.90
C LEU A 749 -19.49 -17.49 25.04
N ILE A 750 -20.62 -18.11 24.71
CA ILE A 750 -21.64 -18.33 25.71
C ILE A 750 -21.16 -19.21 26.84
N GLU A 751 -20.49 -20.30 26.49
CA GLU A 751 -20.03 -21.22 27.50
C GLU A 751 -18.88 -20.67 28.32
N HIS A 752 -18.06 -19.80 27.76
CA HIS A 752 -16.81 -19.41 28.43
C HIS A 752 -16.78 -18.01 28.99
N ALA A 753 -17.55 -17.11 28.39
CA ALA A 753 -17.66 -15.77 28.93
C ALA A 753 -19.09 -15.47 29.31
N HIS A 754 -19.98 -16.44 29.11
CA HIS A 754 -21.37 -16.27 29.50
C HIS A 754 -22.09 -15.13 28.77
N THR A 755 -21.63 -14.86 27.54
CA THR A 755 -22.24 -13.87 26.69
C THR A 755 -23.72 -14.16 26.51
N LYS A 756 -24.53 -13.10 26.60
CA LYS A 756 -25.94 -13.19 26.22
C LYS A 756 -26.26 -12.14 25.16
N PRO A 757 -27.41 -12.31 24.47
CA PRO A 757 -27.79 -11.55 23.27
C PRO A 757 -28.07 -10.09 23.50
N LEU A 758 -27.41 -9.24 22.74
CA LEU A 758 -27.75 -7.83 22.66
C LEU A 758 -28.67 -7.65 21.46
N LEU A 759 -29.95 -7.48 21.71
CA LEU A 759 -30.89 -7.31 20.62
C LEU A 759 -30.47 -6.16 19.73
N PRO A 760 -30.34 -6.46 18.43
CA PRO A 760 -30.02 -5.50 17.36
C PRO A 760 -30.74 -4.15 17.49
N SER A 761 -32.03 -4.22 17.84
CA SER A 761 -32.87 -3.02 17.93
C SER A 761 -32.35 -2.00 18.95
N GLN A 762 -31.58 -2.46 19.91
CA GLN A 762 -31.09 -1.54 20.92
C GLN A 762 -29.62 -1.18 20.71
N LEU A 763 -29.16 -1.32 19.47
CA LEU A 763 -27.81 -0.90 19.14
C LEU A 763 -27.84 0.51 18.57
N VAL A 764 -27.13 1.43 19.22
CA VAL A 764 -27.16 2.80 18.78
C VAL A 764 -26.10 3.05 17.71
N ARG A 765 -26.57 3.43 16.52
CA ARG A 765 -25.69 3.77 15.41
C ARG A 765 -25.53 5.30 15.33
N TYR A 766 -24.36 5.75 14.84
CA TYR A 766 -24.01 7.18 14.77
C TYR A 766 -24.39 7.77 13.45
N ARG A 767 -24.93 8.98 13.48
CA ARG A 767 -25.29 9.74 12.28
C ARG A 767 -24.17 10.69 11.81
N GLU A 768 -24.22 11.16 10.55
CA GLU A 768 -23.36 12.24 10.04
C GLU A 768 -23.96 13.63 10.36
N VAL A 769 -23.10 14.60 10.65
CA VAL A 769 -23.54 15.96 10.92
C VAL A 769 -24.14 16.55 9.64
N GLN A 770 -25.20 17.33 9.76
CA GLN A 770 -25.80 17.92 8.57
C GLN A 770 -25.47 19.40 8.40
N LEU A 771 -24.69 19.77 7.39
CA LEU A 771 -24.33 21.18 7.17
C LEU A 771 -25.51 22.04 6.71
N PRO A 772 -25.59 23.27 7.19
CA PRO A 772 -26.66 24.16 6.73
C PRO A 772 -26.45 24.63 5.30
N ASP A 773 -27.54 24.73 4.54
CA ASP A 773 -27.52 25.38 3.23
C ASP A 773 -26.70 26.69 3.24
N ARG A 774 -25.91 26.87 2.19
CA ARG A 774 -24.97 27.98 2.03
C ARG A 774 -23.93 28.17 3.15
N GLY A 775 -23.75 27.19 4.04
CA GLY A 775 -22.73 27.33 5.07
C GLY A 775 -21.31 27.02 4.62
N TRP A 776 -20.34 27.72 5.19
CA TRP A 776 -18.95 27.33 5.02
C TRP A 776 -18.27 27.35 6.40
N PHE A 777 -17.82 26.19 6.86
CA PHE A 777 -17.08 26.10 8.12
C PHE A 777 -15.62 25.69 7.88
N VAL A 778 -14.73 26.14 8.73
CA VAL A 778 -13.30 25.84 8.59
C VAL A 778 -12.77 25.46 9.96
N TYR A 779 -11.99 24.39 9.98
CA TYR A 779 -11.32 23.99 11.19
C TYR A 779 -9.84 24.10 10.91
N GLN A 780 -9.13 24.75 11.83
CA GLN A 780 -7.74 25.09 11.54
C GLN A 780 -6.86 24.62 12.66
N ARG A 781 -5.77 23.95 12.29
CA ARG A 781 -4.92 23.27 13.25
C ARG A 781 -3.46 23.44 12.83
N ARG A 782 -2.54 23.40 13.80
CA ARG A 782 -1.11 23.48 13.51
C ARG A 782 -0.45 22.11 13.35
N ASN A 783 0.33 21.93 12.30
CA ASN A 783 1.19 20.77 12.24
C ASN A 783 2.59 21.20 12.62
N GLU A 784 3.21 20.48 13.55
CA GLU A 784 4.46 20.94 14.14
C GLU A 784 5.71 20.22 13.65
N VAL A 785 5.65 19.65 12.46
CA VAL A 785 6.84 18.98 11.92
C VAL A 785 7.14 19.41 10.50
N HIS A 786 6.09 19.52 9.69
CA HIS A 786 6.25 19.69 8.25
C HIS A 786 6.19 21.14 7.81
N ASN A 787 6.96 21.46 6.78
CA ASN A 787 6.95 22.78 6.18
C ASN A 787 6.03 22.76 4.98
N ASN A 788 5.14 21.79 5.01
CA ASN A 788 4.06 21.70 4.06
C ASN A 788 2.74 21.84 4.80
N CYS A 789 1.74 22.39 4.14
CA CYS A 789 0.43 22.44 4.76
C CYS A 789 -0.48 21.39 4.12
N GLY A 790 -1.50 21.00 4.87
CA GLY A 790 -2.48 20.04 4.41
C GLY A 790 -3.83 20.70 4.27
N ILE A 791 -4.65 20.17 3.40
CA ILE A 791 -5.98 20.72 3.22
C ILE A 791 -6.92 19.64 2.71
N GLU A 792 -8.12 19.61 3.28
CA GLU A 792 -9.21 18.84 2.72
C GLU A 792 -10.42 19.73 2.59
N ILE A 793 -10.99 19.77 1.39
CA ILE A 793 -12.24 20.47 1.18
C ILE A 793 -13.35 19.49 0.84
N TYR A 794 -14.42 19.51 1.64
CA TYR A 794 -15.57 18.65 1.50
C TYR A 794 -16.76 19.52 1.14
N TYR A 795 -17.37 19.24 0.00
CA TYR A 795 -18.67 19.77 -0.33
C TYR A 795 -19.68 18.63 -0.15
N GLN A 796 -20.33 18.59 1.02
CA GLN A 796 -21.29 17.53 1.37
C GLN A 796 -22.49 17.66 0.45
N THR A 797 -22.93 16.58 -0.15
CA THR A 797 -24.11 16.75 -0.99
C THR A 797 -25.35 16.29 -0.27
N ASP A 798 -25.75 15.05 -0.47
CA ASP A 798 -26.98 14.59 0.14
C ASP A 798 -26.85 13.14 0.57
N MET A 799 -27.89 12.61 1.18
CA MET A 799 -27.90 11.22 1.56
C MET A 799 -27.65 10.35 0.33
N GLN A 800 -26.91 9.28 0.54
CA GLN A 800 -26.66 8.36 -0.55
C GLN A 800 -27.96 7.77 -1.14
N SER A 801 -27.99 7.71 -2.46
CA SER A 801 -29.05 6.99 -3.17
C SER A 801 -28.60 6.85 -4.63
N THR A 802 -29.28 5.98 -5.37
CA THR A 802 -28.85 5.72 -6.74
C THR A 802 -28.57 7.02 -7.51
N SER A 803 -29.53 7.92 -7.55
CA SER A 803 -29.31 9.14 -8.35
C SER A 803 -28.24 10.06 -7.74
N GLU A 804 -28.36 10.34 -6.46
CA GLU A 804 -27.37 11.22 -5.85
C GLU A 804 -25.99 10.63 -6.03
N ASN A 805 -25.91 9.31 -5.98
CA ASN A 805 -24.63 8.61 -6.09
C ASN A 805 -24.01 8.75 -7.45
N MET A 806 -24.83 8.58 -8.48
CA MET A 806 -24.27 8.66 -9.82
C MET A 806 -24.00 10.12 -10.27
N PHE A 807 -24.78 11.08 -9.80
CA PHE A 807 -24.46 12.49 -10.04
C PHE A 807 -23.06 12.80 -9.57
N LEU A 808 -22.80 12.53 -8.28
CA LEU A 808 -21.50 12.79 -7.70
C LEU A 808 -20.42 12.00 -8.45
N GLU A 809 -20.65 10.71 -8.69
CA GLU A 809 -19.61 9.90 -9.35
C GLU A 809 -19.29 10.29 -10.81
N LEU A 810 -20.29 10.60 -11.62
CA LEU A 810 -20.00 11.07 -12.97
C LEU A 810 -19.28 12.45 -12.97
N PHE A 811 -19.80 13.38 -12.18
CA PHE A 811 -19.12 14.67 -12.04
C PHE A 811 -17.65 14.48 -11.70
N CYS A 812 -17.37 13.69 -10.67
CA CYS A 812 -15.99 13.32 -10.34
C CYS A 812 -15.16 12.70 -11.49
N GLN A 813 -15.74 11.76 -12.23
CA GLN A 813 -15.06 11.18 -13.36
C GLN A 813 -14.62 12.27 -14.35
N ILE A 814 -15.58 13.10 -14.74
CA ILE A 814 -15.32 14.19 -15.66
C ILE A 814 -14.16 15.05 -15.20
N ILE A 815 -14.02 15.32 -13.90
CA ILE A 815 -13.00 16.27 -13.46
C ILE A 815 -11.71 15.62 -12.96
N SER A 816 -11.67 14.30 -12.99
CA SER A 816 -10.54 13.59 -12.39
C SER A 816 -9.22 13.90 -13.06
N GLU A 817 -9.19 13.98 -14.38
CA GLU A 817 -7.91 14.21 -15.03
C GLU A 817 -7.62 15.71 -15.15
N PRO A 818 -8.63 16.51 -15.49
CA PRO A 818 -8.38 17.95 -15.41
C PRO A 818 -7.83 18.37 -14.05
N CYS A 819 -8.42 17.92 -12.96
CA CYS A 819 -7.89 18.25 -11.66
C CYS A 819 -6.42 17.94 -11.62
N PHE A 820 -6.05 16.81 -12.19
CA PHE A 820 -4.65 16.41 -12.16
C PHE A 820 -3.83 17.30 -13.09
N ASN A 821 -4.32 17.46 -14.31
CA ASN A 821 -3.62 18.24 -15.31
C ASN A 821 -3.51 19.72 -14.98
N THR A 822 -4.47 20.23 -14.23
CA THR A 822 -4.59 21.67 -14.01
C THR A 822 -3.90 22.13 -12.74
N LEU A 823 -4.35 21.57 -11.61
CA LEU A 823 -3.89 21.96 -10.29
C LEU A 823 -2.50 21.41 -9.95
N ARG A 824 -2.13 20.34 -10.62
CA ARG A 824 -0.84 19.73 -10.36
C ARG A 824 0.16 19.99 -11.47
N THR A 825 -0.20 19.62 -12.69
CA THR A 825 0.74 19.59 -13.81
C THR A 825 0.91 20.94 -14.52
N LYS A 826 0.03 21.88 -14.24
CA LYS A 826 0.26 23.24 -14.68
C LYS A 826 0.64 24.08 -13.49
N GLU A 827 -0.26 24.17 -12.53
CA GLU A 827 -0.13 25.11 -11.43
C GLU A 827 0.86 24.64 -10.41
N GLN A 828 1.24 23.37 -10.49
CA GLN A 828 2.19 22.81 -9.54
C GLN A 828 1.89 23.33 -8.15
N LEU A 829 0.83 22.80 -7.54
CA LEU A 829 0.43 23.22 -6.19
C LEU A 829 0.98 22.25 -5.13
N GLY A 830 1.43 21.10 -5.56
CA GLY A 830 1.99 20.14 -4.64
C GLY A 830 2.06 18.79 -5.30
N TYR A 831 2.70 17.84 -4.62
CA TYR A 831 2.80 16.48 -5.16
C TYR A 831 1.47 15.75 -4.95
N ILE A 832 0.84 16.00 -3.81
CA ILE A 832 -0.49 15.46 -3.51
C ILE A 832 -1.63 16.40 -3.95
N VAL A 833 -2.32 15.99 -5.01
CA VAL A 833 -3.51 16.66 -5.46
C VAL A 833 -4.56 15.60 -5.76
N PHE A 834 -5.55 15.47 -4.88
CA PHE A 834 -6.62 14.48 -5.01
C PHE A 834 -8.00 15.10 -5.01
N SER A 835 -8.88 14.52 -5.82
CA SER A 835 -10.28 14.87 -5.81
C SER A 835 -11.09 13.57 -5.97
N GLY A 836 -12.38 13.64 -5.66
CA GLY A 836 -13.26 12.49 -5.74
C GLY A 836 -14.27 12.36 -4.61
N PRO A 837 -15.08 11.30 -4.65
CA PRO A 837 -16.22 11.07 -3.77
C PRO A 837 -15.79 10.76 -2.36
N ARG A 838 -16.60 11.16 -1.39
CA ARG A 838 -16.38 10.84 0.00
C ARG A 838 -17.66 10.23 0.54
N ARG A 839 -17.55 9.05 1.12
CA ARG A 839 -18.69 8.40 1.73
C ARG A 839 -18.47 8.14 3.20
N ALA A 840 -19.52 8.36 3.99
CA ALA A 840 -19.43 8.12 5.42
C ALA A 840 -20.82 8.23 6.03
N ASN A 841 -21.14 7.25 6.88
CA ASN A 841 -22.42 7.22 7.56
C ASN A 841 -23.67 7.43 6.71
N GLY A 842 -23.68 6.89 5.49
CA GLY A 842 -24.84 7.02 4.62
C GLY A 842 -24.90 8.31 3.81
N ILE A 843 -24.01 9.26 4.14
CA ILE A 843 -23.94 10.54 3.44
C ILE A 843 -22.80 10.58 2.43
N GLN A 844 -22.78 11.57 1.54
CA GLN A 844 -21.67 11.68 0.59
C GLN A 844 -21.41 13.11 0.11
N GLY A 845 -20.26 13.32 -0.49
CA GLY A 845 -19.96 14.62 -1.05
C GLY A 845 -18.67 14.62 -1.80
N LEU A 846 -18.37 15.75 -2.41
CA LEU A 846 -17.14 15.90 -3.16
C LEU A 846 -16.02 16.36 -2.24
N ARG A 847 -14.84 15.75 -2.37
CA ARG A 847 -13.69 16.23 -1.62
C ARG A 847 -12.49 16.46 -2.55
N PHE A 848 -11.60 17.35 -2.10
CA PHE A 848 -10.35 17.67 -2.75
C PHE A 848 -9.35 17.59 -1.59
N ILE A 849 -8.17 17.07 -1.86
CA ILE A 849 -7.12 16.95 -0.85
C ILE A 849 -5.83 17.40 -1.51
N ILE A 850 -5.14 18.34 -0.86
CA ILE A 850 -3.90 18.89 -1.38
C ILE A 850 -2.87 19.02 -0.28
N GLN A 851 -1.63 18.64 -0.57
CA GLN A 851 -0.50 18.97 0.31
C GLN A 851 0.36 19.92 -0.48
N SER A 852 0.75 21.01 0.16
CA SER A 852 1.36 22.09 -0.59
C SER A 852 2.22 23.05 0.21
N GLU A 853 3.12 23.70 -0.51
CA GLU A 853 4.00 24.71 0.04
C GLU A 853 3.20 26.00 0.26
N LYS A 854 2.13 26.16 -0.51
CA LYS A 854 1.29 27.35 -0.42
C LYS A 854 0.36 27.37 0.81
N PRO A 855 -0.17 28.56 1.16
CA PRO A 855 -1.15 28.64 2.25
C PRO A 855 -2.51 28.12 1.81
N PRO A 856 -3.27 27.54 2.76
CA PRO A 856 -4.62 27.00 2.55
C PRO A 856 -5.54 27.96 1.81
N HIS A 857 -5.54 29.23 2.19
CA HIS A 857 -6.47 30.16 1.59
C HIS A 857 -6.16 30.28 0.11
N TYR A 858 -4.90 30.08 -0.26
CA TYR A 858 -4.54 30.14 -1.67
C TYR A 858 -5.02 28.90 -2.43
N LEU A 859 -4.70 27.73 -1.90
CA LEU A 859 -5.22 26.47 -2.42
C LEU A 859 -6.73 26.53 -2.57
N GLU A 860 -7.36 27.02 -1.50
CA GLU A 860 -8.80 27.19 -1.43
C GLU A 860 -9.27 27.99 -2.65
N SER A 861 -8.62 29.11 -2.91
CA SER A 861 -9.04 29.96 -4.02
C SER A 861 -8.80 29.25 -5.36
N ARG A 862 -7.67 28.57 -5.46
CA ARG A 862 -7.33 27.84 -6.67
C ARG A 862 -8.35 26.74 -6.95
N VAL A 863 -8.73 26.01 -5.91
CA VAL A 863 -9.74 24.97 -6.06
C VAL A 863 -11.07 25.51 -6.59
N GLU A 864 -11.56 26.60 -6.00
CA GLU A 864 -12.79 27.26 -6.50
C GLU A 864 -12.62 27.72 -7.94
N ALA A 865 -11.42 28.22 -8.26
CA ALA A 865 -11.13 28.63 -9.63
C ALA A 865 -11.28 27.43 -10.56
N PHE A 866 -10.77 26.30 -10.14
CA PHE A 866 -10.90 25.05 -10.89
C PHE A 866 -12.37 24.65 -11.09
N LEU A 867 -13.16 24.79 -10.02
CA LEU A 867 -14.57 24.44 -10.08
C LEU A 867 -15.30 25.18 -11.21
N ILE A 868 -15.06 26.49 -11.34
CA ILE A 868 -15.65 27.30 -12.41
C ILE A 868 -15.28 26.82 -13.81
N THR A 869 -14.00 26.54 -14.00
CA THR A 869 -13.48 26.06 -15.27
C THR A 869 -14.17 24.75 -15.63
N MET A 870 -14.27 23.86 -14.64
CA MET A 870 -14.91 22.59 -14.84
C MET A 870 -16.36 22.76 -15.31
N GLU A 871 -17.06 23.75 -14.75
CA GLU A 871 -18.45 23.97 -15.12
C GLU A 871 -18.58 24.39 -16.57
N LYS A 872 -17.76 25.36 -16.98
CA LYS A 872 -17.73 25.77 -18.37
C LYS A 872 -17.29 24.61 -19.26
N ALA A 873 -16.25 23.90 -18.85
CA ALA A 873 -15.78 22.73 -19.59
C ALA A 873 -16.93 21.76 -19.86
N ILE A 874 -17.80 21.58 -18.86
CA ILE A 874 -18.94 20.66 -19.01
C ILE A 874 -20.00 21.22 -19.97
N GLU A 875 -20.30 22.51 -19.82
CA GLU A 875 -21.23 23.16 -20.73
C GLU A 875 -20.73 23.06 -22.17
N ASP A 876 -19.43 23.17 -22.34
CA ASP A 876 -18.87 23.22 -23.68
C ASP A 876 -18.33 21.89 -24.20
N MET A 877 -18.64 20.79 -23.52
CA MET A 877 -18.15 19.48 -23.98
C MET A 877 -19.12 18.80 -24.95
N THR A 878 -18.56 18.17 -25.98
CA THR A 878 -19.34 17.44 -26.96
C THR A 878 -20.13 16.34 -26.31
N GLU A 879 -21.29 16.05 -26.89
CA GLU A 879 -22.10 14.94 -26.44
C GLU A 879 -21.30 13.64 -26.42
N GLU A 880 -20.52 13.40 -27.47
CA GLU A 880 -19.84 12.13 -27.55
C GLU A 880 -18.68 12.00 -26.57
N ALA A 881 -18.04 13.13 -26.23
CA ALA A 881 -17.04 13.14 -25.15
C ALA A 881 -17.72 12.85 -23.83
N PHE A 882 -18.92 13.41 -23.68
CA PHE A 882 -19.72 13.17 -22.50
C PHE A 882 -20.01 11.67 -22.40
N GLN A 883 -20.47 11.07 -23.49
CA GLN A 883 -20.81 9.66 -23.50
C GLN A 883 -19.62 8.78 -23.15
N LYS A 884 -18.44 9.13 -23.64
CA LYS A 884 -17.25 8.43 -23.24
C LYS A 884 -17.03 8.47 -21.73
N HIS A 885 -17.33 9.61 -21.11
CA HIS A 885 -17.23 9.71 -19.66
C HIS A 885 -18.26 8.80 -18.98
N ILE A 886 -19.49 8.82 -19.46
CA ILE A 886 -20.46 7.86 -18.94
C ILE A 886 -19.87 6.46 -19.14
N GLN A 887 -19.39 6.17 -20.34
CA GLN A 887 -18.96 4.82 -20.69
C GLN A 887 -17.74 4.38 -19.89
N ALA A 888 -16.88 5.35 -19.57
CA ALA A 888 -15.66 5.11 -18.84
C ALA A 888 -15.96 4.76 -17.37
N LEU A 889 -16.93 5.46 -16.78
CA LEU A 889 -17.32 5.20 -15.38
C LEU A 889 -18.05 3.86 -15.26
N ALA A 890 -18.91 3.56 -16.25
CA ALA A 890 -19.56 2.24 -16.32
C ALA A 890 -18.55 1.08 -16.25
N ILE A 891 -17.55 1.11 -17.13
CA ILE A 891 -16.47 0.13 -17.16
C ILE A 891 -15.76 -0.07 -15.82
N ARG A 892 -15.34 1.04 -15.20
CA ARG A 892 -14.72 0.97 -13.86
C ARG A 892 -15.66 0.28 -12.89
N ARG A 893 -16.92 0.71 -12.89
CA ARG A 893 -17.87 0.17 -11.93
C ARG A 893 -18.15 -1.32 -12.15
N LEU A 894 -18.25 -1.75 -13.40
CA LEU A 894 -18.68 -3.12 -13.73
C LEU A 894 -17.55 -4.12 -13.65
N ASP A 895 -16.34 -3.61 -13.73
CA ASP A 895 -15.13 -4.41 -13.74
C ASP A 895 -15.15 -5.39 -12.57
N LYS A 896 -15.39 -6.66 -12.88
CA LYS A 896 -15.61 -7.67 -11.84
C LYS A 896 -14.40 -7.94 -10.94
N PRO A 897 -14.63 -8.22 -9.65
CA PRO A 897 -13.51 -8.61 -8.79
C PRO A 897 -12.81 -9.84 -9.35
N LYS A 898 -11.49 -9.92 -9.16
CA LYS A 898 -10.68 -10.96 -9.78
C LYS A 898 -10.47 -12.10 -8.79
N LYS A 899 -10.62 -11.78 -7.50
CA LYS A 899 -10.35 -12.72 -6.43
C LYS A 899 -11.39 -12.61 -5.30
N LEU A 900 -11.42 -13.64 -4.46
CA LEU A 900 -12.43 -13.80 -3.39
C LEU A 900 -12.49 -12.64 -2.42
N SER A 901 -11.34 -12.27 -1.88
CA SER A 901 -11.27 -11.18 -0.92
C SER A 901 -11.65 -9.81 -1.52
N ALA A 902 -11.69 -9.71 -2.84
CA ALA A 902 -12.11 -8.46 -3.48
C ALA A 902 -13.62 -8.44 -3.55
N GLU A 903 -14.17 -9.60 -3.90
CA GLU A 903 -15.60 -9.76 -3.94
C GLU A 903 -16.15 -9.71 -2.53
N CYS A 904 -15.44 -10.35 -1.60
CA CYS A 904 -15.82 -10.35 -0.20
C CYS A 904 -15.86 -8.93 0.35
N ALA A 905 -14.83 -8.15 0.08
CA ALA A 905 -14.72 -6.82 0.68
C ALA A 905 -15.85 -5.91 0.22
N LYS A 906 -16.33 -6.14 -0.98
CA LYS A 906 -17.37 -5.35 -1.59
C LYS A 906 -18.66 -5.61 -0.81
N TYR A 907 -18.96 -6.90 -0.63
CA TYR A 907 -20.12 -7.35 0.14
C TYR A 907 -20.01 -6.92 1.59
N TRP A 908 -18.82 -6.99 2.15
CA TRP A 908 -18.64 -6.57 3.55
C TRP A 908 -18.95 -5.05 3.65
N GLY A 909 -18.66 -4.32 2.59
CA GLY A 909 -19.00 -2.92 2.56
C GLY A 909 -20.50 -2.69 2.71
N GLU A 910 -21.30 -3.56 2.09
CA GLU A 910 -22.75 -3.43 2.16
C GLU A 910 -23.31 -3.80 3.55
N ILE A 911 -22.60 -4.68 4.23
CA ILE A 911 -22.98 -5.07 5.59
C ILE A 911 -22.59 -4.03 6.64
N ILE A 912 -21.34 -3.59 6.62
CA ILE A 912 -20.85 -2.58 7.55
C ILE A 912 -21.78 -1.36 7.55
N SER A 913 -22.19 -0.97 6.36
CA SER A 913 -22.96 0.24 6.13
C SER A 913 -24.45 -0.03 6.31
N GLN A 914 -24.78 -1.26 6.66
CA GLN A 914 -26.18 -1.67 6.78
C GLN A 914 -27.10 -1.26 5.61
N GLN A 915 -26.54 -1.17 4.41
CA GLN A 915 -27.38 -0.95 3.24
C GLN A 915 -27.69 -2.28 2.51
N TYR A 916 -26.80 -3.26 2.61
CA TYR A 916 -27.08 -4.58 2.02
C TYR A 916 -27.53 -4.46 0.55
N ASN A 917 -26.87 -3.59 -0.22
CA ASN A 917 -27.23 -3.38 -1.63
C ASN A 917 -26.28 -4.17 -2.53
N TYR A 918 -26.47 -5.50 -2.58
CA TYR A 918 -25.50 -6.37 -3.21
C TYR A 918 -25.49 -6.21 -4.74
N ASP A 919 -26.59 -5.71 -5.31
CA ASP A 919 -26.69 -5.64 -6.76
C ASP A 919 -26.47 -4.21 -7.17
N ARG A 920 -26.01 -3.41 -6.22
CA ARG A 920 -25.71 -2.01 -6.47
C ARG A 920 -25.14 -1.68 -7.85
N ASP A 921 -24.02 -2.30 -8.22
CA ASP A 921 -23.25 -1.90 -9.40
C ASP A 921 -24.07 -1.87 -10.68
N ASN A 922 -24.88 -2.89 -10.91
CA ASN A 922 -25.68 -2.95 -12.10
C ASN A 922 -26.72 -1.85 -12.09
N ILE A 923 -27.41 -1.71 -10.96
CA ILE A 923 -28.44 -0.69 -10.84
C ILE A 923 -27.88 0.71 -11.14
N GLU A 924 -26.79 1.04 -10.47
CA GLU A 924 -26.27 2.38 -10.52
C GLU A 924 -25.78 2.75 -11.89
N VAL A 925 -25.14 1.79 -12.56
CA VAL A 925 -24.68 1.98 -13.94
C VAL A 925 -25.83 2.14 -14.93
N ALA A 926 -26.90 1.39 -14.73
CA ALA A 926 -28.07 1.54 -15.55
C ALA A 926 -28.58 2.96 -15.43
N TYR A 927 -28.61 3.47 -14.22
CA TYR A 927 -29.10 4.80 -13.99
C TYR A 927 -28.12 5.82 -14.56
N LEU A 928 -26.84 5.58 -14.31
CA LEU A 928 -25.74 6.37 -14.86
C LEU A 928 -25.92 6.59 -16.36
N LYS A 929 -26.33 5.55 -17.08
CA LYS A 929 -26.34 5.62 -18.54
C LYS A 929 -27.44 6.53 -19.07
N THR A 930 -28.34 6.97 -18.20
CA THR A 930 -29.47 7.78 -18.60
C THR A 930 -29.24 9.27 -18.35
N LEU A 931 -28.16 9.59 -17.66
CA LEU A 931 -27.88 10.97 -17.35
C LEU A 931 -27.52 11.77 -18.60
N SER A 932 -27.72 13.07 -18.53
CA SER A 932 -27.32 13.98 -19.59
C SER A 932 -26.58 15.19 -19.03
N LYS A 933 -25.85 15.88 -19.91
CA LYS A 933 -25.07 17.05 -19.54
C LYS A 933 -25.89 17.97 -18.65
N ASP A 934 -27.13 18.19 -19.05
CA ASP A 934 -27.97 19.11 -18.31
C ASP A 934 -28.18 18.64 -16.88
N ASP A 935 -28.25 17.32 -16.66
CA ASP A 935 -28.47 16.82 -15.31
C ASP A 935 -27.29 17.17 -14.44
N ILE A 936 -26.11 16.95 -14.97
CA ILE A 936 -24.88 17.23 -14.24
C ILE A 936 -24.70 18.72 -13.98
N ILE A 937 -25.03 19.55 -14.97
CA ILE A 937 -25.05 21.01 -14.81
C ILE A 937 -25.98 21.43 -13.68
N LYS A 938 -27.24 21.01 -13.76
CA LYS A 938 -28.18 21.27 -12.69
C LYS A 938 -27.64 20.80 -11.35
N PHE A 939 -27.16 19.56 -11.30
CA PHE A 939 -26.56 19.05 -10.07
C PHE A 939 -25.58 20.07 -9.52
N TYR A 940 -24.64 20.46 -10.36
CA TYR A 940 -23.59 21.41 -10.01
C TYR A 940 -24.17 22.72 -9.50
N LYS A 941 -25.11 23.28 -10.26
CA LYS A 941 -25.75 24.53 -9.86
C LYS A 941 -26.54 24.42 -8.57
N GLU A 942 -27.08 23.25 -8.24
CA GLU A 942 -27.82 23.13 -6.99
C GLU A 942 -26.91 22.95 -5.77
N MET A 943 -25.80 22.26 -5.96
CA MET A 943 -25.01 21.76 -4.83
C MET A 943 -23.59 22.30 -4.75
N LEU A 944 -22.97 22.60 -5.89
CA LEU A 944 -21.54 22.83 -5.85
C LEU A 944 -21.06 24.24 -6.20
N ALA A 945 -21.82 24.99 -6.99
CA ALA A 945 -21.40 26.35 -7.36
C ALA A 945 -21.23 27.26 -6.12
N VAL A 946 -20.38 28.29 -6.21
CA VAL A 946 -20.26 29.28 -5.13
C VAL A 946 -21.62 29.74 -4.71
N ASP A 947 -22.49 29.89 -5.71
CA ASP A 947 -23.81 30.48 -5.54
C ASP A 947 -24.90 29.44 -5.33
N ALA A 948 -24.49 28.18 -5.13
CA ALA A 948 -25.48 27.09 -5.03
C ALA A 948 -26.34 27.36 -3.81
N PRO A 949 -27.67 27.21 -3.96
CA PRO A 949 -28.56 27.37 -2.81
C PRO A 949 -28.40 26.27 -1.79
N ARG A 950 -27.77 25.15 -2.17
CA ARG A 950 -27.54 24.03 -1.26
C ARG A 950 -26.10 23.56 -1.18
N ARG A 951 -25.17 24.50 -1.34
CA ARG A 951 -23.75 24.23 -1.12
C ARG A 951 -23.60 23.99 0.37
N HIS A 952 -22.83 22.97 0.73
CA HIS A 952 -22.57 22.65 2.14
C HIS A 952 -21.09 22.37 2.24
N LYS A 953 -20.32 23.37 2.65
CA LYS A 953 -18.88 23.26 2.57
C LYS A 953 -18.19 23.30 3.93
N VAL A 954 -17.23 22.42 4.14
CA VAL A 954 -16.35 22.45 5.30
C VAL A 954 -14.92 22.26 4.87
N SER A 955 -14.00 23.00 5.48
CA SER A 955 -12.58 22.86 5.13
C SER A 955 -11.73 22.63 6.35
N VAL A 956 -10.85 21.64 6.26
CA VAL A 956 -9.89 21.44 7.31
C VAL A 956 -8.56 21.96 6.78
N HIS A 957 -7.93 22.87 7.53
CA HIS A 957 -6.67 23.44 7.10
C HIS A 957 -5.63 23.06 8.11
N VAL A 958 -4.67 22.25 7.70
CA VAL A 958 -3.57 21.84 8.57
C VAL A 958 -2.33 22.66 8.22
N LEU A 959 -2.01 23.64 9.06
CA LEU A 959 -0.96 24.61 8.76
C LEU A 959 0.45 24.06 8.90
N ALA A 960 1.35 24.57 8.06
CA ALA A 960 2.77 24.21 8.12
C ALA A 960 3.46 24.59 9.44
N ARG A 961 4.64 24.05 9.65
CA ARG A 961 5.42 24.28 10.87
C ARG A 961 5.47 25.76 11.24
N GLU A 962 5.86 26.59 10.27
CA GLU A 962 6.04 28.04 10.49
C GLU A 962 4.82 28.83 10.04
N MET A 963 4.46 28.70 8.77
CA MET A 963 3.13 29.11 8.31
C MET A 963 2.11 28.59 9.31
N ASP A 964 1.04 29.33 9.62
CA ASP A 964 0.77 30.71 9.22
C ASP A 964 -0.58 31.04 9.86
N SER A 965 -1.64 31.04 9.05
CA SER A 965 -3.02 31.17 9.53
C SER A 965 -3.97 31.56 8.40
N ILE A 978 1.28 36.43 -13.90
CA ILE A 978 0.72 35.08 -13.89
C ILE A 978 -0.51 34.94 -14.79
N ASN A 979 -0.62 33.80 -15.47
CA ASN A 979 -1.71 33.54 -16.41
C ASN A 979 -2.95 32.92 -15.77
N LEU A 980 -2.87 32.63 -14.48
CA LEU A 980 -3.88 31.84 -13.79
C LEU A 980 -5.33 32.24 -14.05
N SER A 981 -6.21 31.24 -14.08
CA SER A 981 -7.64 31.45 -14.17
C SER A 981 -8.15 32.12 -12.90
N GLU A 982 -9.28 32.82 -13.00
CA GLU A 982 -9.73 33.72 -11.95
C GLU A 982 -10.65 33.07 -10.94
N ALA A 983 -10.29 33.18 -9.66
CA ALA A 983 -11.11 32.62 -8.58
C ALA A 983 -12.25 33.57 -8.23
N PRO A 984 -13.43 33.01 -7.92
CA PRO A 984 -14.54 33.88 -7.57
C PRO A 984 -14.36 34.42 -6.15
N PRO A 985 -15.04 35.52 -5.82
CA PRO A 985 -15.05 35.95 -4.43
C PRO A 985 -15.80 34.93 -3.55
N LEU A 986 -15.25 34.68 -2.36
CA LEU A 986 -15.83 33.70 -1.45
C LEU A 986 -16.29 34.32 -0.13
N PRO A 987 -17.21 33.64 0.55
CA PRO A 987 -17.72 34.12 1.84
C PRO A 987 -16.63 34.09 2.92
N GLN A 988 -16.92 34.71 4.06
CA GLN A 988 -16.11 34.51 5.25
C GLN A 988 -16.57 33.24 5.97
N PRO A 989 -15.66 32.29 6.16
CA PRO A 989 -15.92 31.02 6.84
C PRO A 989 -16.38 31.26 8.26
N GLU A 990 -17.26 30.41 8.76
CA GLU A 990 -17.49 30.33 10.19
C GLU A 990 -16.37 29.41 10.73
N VAL A 991 -15.69 29.83 11.79
CA VAL A 991 -14.51 29.15 12.33
C VAL A 991 -14.82 28.23 13.52
N ILE A 992 -14.27 27.02 13.49
CA ILE A 992 -14.56 26.02 14.52
C ILE A 992 -13.46 26.06 15.56
N HIS A 993 -13.80 26.19 16.83
CA HIS A 993 -12.77 26.14 17.86
C HIS A 993 -13.01 24.94 18.76
N ASN A 994 -14.19 24.37 18.64
CA ASN A 994 -14.59 23.23 19.46
C ASN A 994 -15.46 22.30 18.61
N MET A 995 -14.93 21.13 18.28
CA MET A 995 -15.67 20.21 17.42
C MET A 995 -17.01 19.91 18.02
N THR A 996 -17.03 19.86 19.34
CA THR A 996 -18.22 19.44 20.08
C THR A 996 -19.32 20.49 20.03
N GLU A 997 -19.03 21.69 20.55
CA GLU A 997 -19.94 22.81 20.39
C GLU A 997 -20.41 22.85 18.95
N PHE A 998 -19.49 22.63 18.02
CA PHE A 998 -19.83 22.71 16.61
C PHE A 998 -20.98 21.75 16.24
N LYS A 999 -20.87 20.50 16.69
CA LYS A 999 -21.80 19.44 16.32
C LYS A 999 -23.14 19.67 17.02
N ARG A 1000 -23.08 19.97 18.33
CA ARG A 1000 -24.27 20.27 19.13
C ARG A 1000 -25.15 21.32 18.47
N GLY A 1001 -24.58 22.17 17.63
CA GLY A 1001 -25.37 23.28 17.12
C GLY A 1001 -25.96 23.01 15.74
N LEU A 1002 -25.75 21.80 15.21
CA LEU A 1002 -26.23 21.44 13.89
C LEU A 1002 -27.09 20.20 13.97
N PRO A 1003 -28.06 20.10 13.05
CA PRO A 1003 -28.88 18.88 13.05
C PRO A 1003 -28.09 17.66 12.58
N LEU A 1004 -28.69 16.48 12.67
CA LEU A 1004 -28.05 15.23 12.24
C LEU A 1004 -28.89 14.54 11.15
N PHE A 1005 -28.24 13.91 10.19
CA PHE A 1005 -28.90 13.15 9.13
C PHE A 1005 -29.57 11.91 9.68
N PRO A 1006 -30.60 11.45 8.98
CA PRO A 1006 -31.16 10.12 9.22
C PRO A 1006 -30.11 9.08 8.89
N LEU A 1007 -30.41 7.80 9.10
CA LEU A 1007 -29.59 6.74 8.50
C LEU A 1007 -30.24 6.24 7.19
N VAL A 1008 -29.43 5.71 6.27
CA VAL A 1008 -29.93 5.25 4.97
C VAL A 1008 -30.77 4.00 5.13
N LYS A 1009 -31.86 3.95 4.39
CA LYS A 1009 -32.76 2.81 4.41
C LYS A 1009 -32.05 1.58 3.79
N PRO A 1010 -32.19 0.41 4.43
CA PRO A 1010 -31.61 -0.85 3.92
C PRO A 1010 -32.30 -1.34 2.63
N HIS A 1011 -31.53 -1.73 1.61
CA HIS A 1011 -32.09 -2.10 0.29
C HIS A 1011 -32.95 -3.37 0.33
N UNK B 1 6.70 5.95 4.00
CA UNK B 1 7.17 4.58 4.16
C UNK B 1 7.47 3.90 2.81
N UNK B 2 6.43 3.53 2.07
CA UNK B 2 6.60 2.85 0.78
C UNK B 2 7.63 3.59 -0.08
N UNK B 3 8.79 2.96 -0.27
CA UNK B 3 9.95 3.63 -0.90
C UNK B 3 10.22 3.23 -2.35
N UNK B 4 9.85 4.11 -3.28
CA UNK B 4 10.10 3.98 -4.71
C UNK B 4 9.45 5.17 -5.45
N UNK B 5 10.22 5.85 -6.29
CA UNK B 5 9.76 7.12 -6.89
C UNK B 5 8.75 6.94 -8.01
N UNK B 6 7.47 7.19 -7.71
CA UNK B 6 6.39 7.05 -8.71
C UNK B 6 5.72 8.38 -9.08
N UNK B 7 4.43 8.32 -9.36
CA UNK B 7 3.57 9.49 -9.58
C UNK B 7 3.58 10.05 -10.99
N UNK B 8 3.50 9.16 -11.99
CA UNK B 8 3.21 9.60 -13.35
C UNK B 8 1.97 8.87 -13.87
N UNK C 1 9.32 -11.64 11.05
CA UNK C 1 8.83 -12.03 9.72
C UNK C 1 9.92 -11.88 8.67
N UNK C 2 9.84 -12.73 7.65
CA UNK C 2 10.80 -12.68 6.55
C UNK C 2 10.47 -11.50 5.65
N UNK C 3 11.50 -10.72 5.31
CA UNK C 3 11.37 -9.59 4.39
C UNK C 3 11.27 -10.11 2.96
N UNK C 4 10.12 -9.93 2.33
CA UNK C 4 9.93 -10.43 0.97
C UNK C 4 9.16 -9.44 0.09
N UNK C 5 9.88 -8.78 -0.81
CA UNK C 5 9.30 -7.82 -1.76
C UNK C 5 10.37 -7.02 -2.50
N UNK C 6 9.94 -6.21 -3.47
CA UNK C 6 10.85 -5.37 -4.24
C UNK C 6 10.65 -3.89 -3.92
N UNK C 7 11.72 -3.11 -4.05
CA UNK C 7 11.75 -1.68 -3.74
C UNK C 7 12.32 -1.40 -2.34
#